data_6Q8A
#
_entry.id   6Q8A
#
_cell.length_a   49.151
_cell.length_b   81.695
_cell.length_c   225.429
_cell.angle_alpha   90.000
_cell.angle_beta   90.000
_cell.angle_gamma   90.000
#
_symmetry.space_group_name_H-M   'P 21 21 21'
#
loop_
_entity.id
_entity.type
_entity.pdbx_description
1 polymer 'Leucine--tRNA ligase'
2 non-polymer "5'-O-(N-(L-Leucyl)-Sulfamoyl)Cytidine"
3 non-polymer 'ZINC ION'
4 non-polymer 'MAGNESIUM ION'
5 water water
#
_entity_poly.entity_id   1
_entity_poly.type   'polypeptide(L)'
_entity_poly.pdbx_seq_one_letter_code
;GMQEHYQPAAIEPAAQKKWDDARISNVSEDASKPKYYCLSMFPYPSGKLHMGHVRNYTIGDVLSRFKLLNGFNVMQPMGW
DAFGMPAENAAMKNNVAPAAWTYDNIEYMKTQLKSLGFAVDWEREVATCKPEYYRWEQWLFTKLFEKGIVYRKNGTVNWD
PVDQTVLANEQVIDGRGWRSGALIEKREIPMYYFKITDYAEELLNDLDKLEHWPEQVKTMQRNWIGKSRGMTVRFAVSDD
SKQGLEGDYAKFLQVYTTRPDTLMGATYVAVAAEHPLATAAAADKPELQAFIAECKAGSVAEADMATMEKKGVPTGRYVV
NPLNGDKLEVWIANYVLWGYGDGAVMAVPAHDERDFEFAAKYNLPKKQVIAVGDNAFDANRWQEWYGDKENGVLVNSGDL
DGLDFQTAFDAVAAKLQSQGAGEPKTQYRLRDWGISRQRYWGCPIPIVHCEKCGNVPVPADQLPVVLPENVVPDGMGSPL
AKMPEFYETSCPCCGGAAKRETDTMDTFIESSWYFFRYMSPKFSDGMVSAESAKYWGAVDQYIGGIEHAILHLLYARFFT
KLMRDEGLVNVDEPFERLLTQGMVVCETYYRENDKGGKDWINPADVELTFDDKGRPVSAVLKADGLPVVISGTEKMSKSK
NNGVDPQELINAYGADTARLFMMFAAPPEQSLEWSDSGVEGAHRFLRRLWRTVYEYLKQGGAVKAFAGNQDGLSKELKDL
RHKLHSTTAKVSDDYGRRQQFNTAIAAVMELLNQYDKTDTGSEQGRAVAQEVLEAAVRLLWPIVPHICETLWSELNGAKL
WEAGWPTVDEAALVKSEIEVMVQVNGKLRGKITVAADASKADLEAAALANEGAVKFMEGKPAKKIIVVPGRLVNIVV
;
_entity_poly.pdbx_strand_id   A
#
loop_
_chem_comp.id
_chem_comp.type
_chem_comp.name
_chem_comp.formula
HQ5 non-polymer 5'-O-(N-(L-Leucyl)-Sulfamoyl)Cytidine 'C15 H25 N5 O8 S'
MG non-polymer 'MAGNESIUM ION' 'Mg 2'
ZN non-polymer 'ZINC ION' 'Zn 2'
#
# COMPACT_ATOMS: atom_id res chain seq x y z
N MET A 2 5.87 17.06 -42.30
CA MET A 2 5.51 17.56 -40.99
C MET A 2 4.52 18.72 -41.07
N GLN A 3 3.28 18.49 -40.60
CA GLN A 3 2.30 19.56 -40.55
C GLN A 3 2.77 20.68 -39.63
N GLU A 4 2.26 21.88 -39.86
CA GLU A 4 2.68 23.01 -39.04
C GLU A 4 2.10 22.95 -37.64
N HIS A 5 0.91 22.36 -37.49
CA HIS A 5 0.18 22.42 -36.22
C HIS A 5 0.18 21.07 -35.53
N TYR A 6 0.33 21.08 -34.22
CA TYR A 6 0.37 19.88 -33.41
C TYR A 6 -1.03 19.32 -33.23
N GLN A 7 -1.28 18.12 -33.76
CA GLN A 7 -2.59 17.49 -33.71
C GLN A 7 -2.47 16.10 -33.09
N PRO A 8 -2.68 16.00 -31.77
CA PRO A 8 -2.45 14.70 -31.10
C PRO A 8 -3.32 13.57 -31.62
N ALA A 9 -4.56 13.85 -32.01
CA ALA A 9 -5.40 12.79 -32.52
C ALA A 9 -4.84 12.20 -33.81
N ALA A 10 -4.03 12.98 -34.53
CA ALA A 10 -3.36 12.45 -35.70
C ALA A 10 -2.25 11.49 -35.31
N ILE A 11 -1.37 11.92 -34.40
CA ILE A 11 -0.09 11.23 -34.26
C ILE A 11 -0.11 10.13 -33.20
N GLU A 12 -0.97 10.22 -32.20
CA GLU A 12 -0.91 9.27 -31.10
C GLU A 12 -1.30 7.86 -31.55
N PRO A 13 -2.30 7.68 -32.41
CA PRO A 13 -2.56 6.32 -32.92
C PRO A 13 -1.45 5.76 -33.77
N ALA A 14 -0.77 6.60 -34.56
CA ALA A 14 0.33 6.11 -35.39
C ALA A 14 1.48 5.61 -34.54
N ALA A 15 1.87 6.39 -33.52
CA ALA A 15 2.96 5.99 -32.64
C ALA A 15 2.63 4.68 -31.93
N GLN A 16 1.40 4.55 -31.42
CA GLN A 16 1.02 3.34 -30.73
C GLN A 16 1.08 2.12 -31.66
N LYS A 17 0.63 2.29 -32.90
CA LYS A 17 0.76 1.20 -33.87
C LYS A 17 2.22 0.91 -34.18
N LYS A 18 3.04 1.96 -34.27
CA LYS A 18 4.45 1.77 -34.57
C LYS A 18 5.15 0.98 -33.47
N TRP A 19 4.83 1.30 -32.21
CA TRP A 19 5.43 0.58 -31.09
C TRP A 19 4.92 -0.86 -31.02
N ASP A 20 3.63 -1.07 -31.30
CA ASP A 20 3.07 -2.41 -31.21
C ASP A 20 3.58 -3.30 -32.33
N ASP A 21 3.66 -2.76 -33.56
CA ASP A 21 4.25 -3.51 -34.67
C ASP A 21 5.70 -3.87 -34.39
N ALA A 22 6.40 -3.03 -33.62
CA ALA A 22 7.77 -3.28 -33.22
C ALA A 22 7.88 -4.27 -32.06
N ARG A 23 6.78 -4.54 -31.35
CA ARG A 23 6.79 -5.41 -30.17
C ARG A 23 7.81 -4.95 -29.13
N ILE A 24 7.90 -3.63 -28.97
CA ILE A 24 8.85 -3.02 -28.04
C ILE A 24 8.58 -3.46 -26.59
N SER A 25 7.31 -3.58 -26.23
CA SER A 25 6.95 -3.91 -24.86
C SER A 25 6.63 -5.39 -24.65
N ASN A 26 6.61 -6.20 -25.71
CA ASN A 26 6.38 -7.63 -25.57
C ASN A 26 7.73 -8.29 -25.34
N VAL A 27 7.99 -8.70 -24.11
CA VAL A 27 9.32 -9.13 -23.72
C VAL A 27 9.29 -10.62 -23.42
N SER A 28 10.46 -11.23 -23.51
CA SER A 28 10.67 -12.62 -23.10
C SER A 28 11.79 -12.69 -22.06
N GLU A 29 12.12 -13.92 -21.68
CA GLU A 29 13.19 -14.20 -20.71
C GLU A 29 14.55 -14.18 -21.43
N ASP A 30 14.93 -12.99 -21.87
CA ASP A 30 16.08 -12.81 -22.76
C ASP A 30 17.36 -12.72 -21.93
N ALA A 31 18.11 -13.80 -21.88
CA ALA A 31 19.30 -13.84 -21.04
C ALA A 31 20.37 -12.86 -21.50
N SER A 32 20.29 -12.37 -22.74
CA SER A 32 21.29 -11.46 -23.30
C SER A 32 20.91 -9.99 -23.14
N LYS A 33 19.98 -9.68 -22.23
CA LYS A 33 19.62 -8.30 -21.91
C LYS A 33 19.31 -8.22 -20.42
N PRO A 34 19.76 -7.18 -19.73
CA PRO A 34 19.50 -7.07 -18.29
C PRO A 34 18.03 -6.75 -18.03
N LYS A 35 17.41 -7.55 -17.17
CA LYS A 35 15.98 -7.44 -16.93
C LYS A 35 15.67 -6.24 -16.04
N TYR A 36 14.48 -5.69 -16.23
CA TYR A 36 13.95 -4.68 -15.33
C TYR A 36 12.45 -4.90 -15.24
N TYR A 37 11.95 -5.18 -14.04
CA TYR A 37 10.55 -5.47 -13.80
C TYR A 37 9.97 -4.26 -13.05
N CYS A 38 9.17 -3.46 -13.76
CA CYS A 38 8.49 -2.31 -13.19
C CYS A 38 7.00 -2.57 -13.14
N LEU A 39 6.40 -2.37 -11.98
CA LEU A 39 5.04 -2.83 -11.76
C LEU A 39 4.23 -1.77 -11.03
N SER A 40 3.04 -1.49 -11.55
CA SER A 40 2.07 -0.66 -10.88
C SER A 40 0.96 -1.54 -10.31
N MET A 41 0.49 -1.22 -9.10
CA MET A 41 -0.60 -1.99 -8.49
C MET A 41 -1.77 -2.07 -9.45
N PHE A 42 -2.12 -3.30 -9.87
CA PHE A 42 -3.16 -3.47 -10.89
C PHE A 42 -4.53 -3.08 -10.33
N PRO A 43 -5.46 -2.66 -11.19
CA PRO A 43 -6.70 -2.04 -10.71
C PRO A 43 -7.82 -3.04 -10.50
N TYR A 44 -8.82 -2.59 -9.71
CA TYR A 44 -10.14 -3.20 -9.77
C TYR A 44 -10.81 -2.77 -11.07
N PRO A 45 -11.32 -3.69 -11.89
CA PRO A 45 -12.05 -3.26 -13.09
C PRO A 45 -13.47 -2.84 -12.75
N SER A 46 -13.62 -1.60 -12.29
CA SER A 46 -14.92 -1.14 -11.82
C SER A 46 -15.63 -0.20 -12.80
N GLY A 47 -15.22 -0.21 -14.07
CA GLY A 47 -15.96 0.53 -15.07
C GLY A 47 -15.10 1.45 -15.91
N LYS A 48 -14.59 2.52 -15.30
CA LYS A 48 -13.81 3.52 -16.00
C LYS A 48 -12.57 3.84 -15.20
N LEU A 49 -11.49 4.21 -15.91
CA LEU A 49 -10.31 4.72 -15.23
C LEU A 49 -10.65 6.02 -14.50
N HIS A 50 -10.00 6.22 -13.37
CA HIS A 50 -10.02 7.48 -12.65
C HIS A 50 -8.76 8.26 -13.00
N MET A 51 -8.74 9.54 -12.63
CA MET A 51 -7.55 10.36 -12.86
C MET A 51 -6.35 9.83 -12.07
N GLY A 52 -6.60 9.35 -10.85
CA GLY A 52 -5.53 8.77 -10.04
C GLY A 52 -4.98 7.48 -10.63
N HIS A 53 -5.83 6.68 -11.26
CA HIS A 53 -5.36 5.58 -12.09
C HIS A 53 -4.36 6.08 -13.13
N VAL A 54 -4.69 7.18 -13.80
CA VAL A 54 -3.81 7.66 -14.86
C VAL A 54 -2.49 8.15 -14.26
N ARG A 55 -2.54 8.81 -13.09
CA ARG A 55 -1.31 9.25 -12.44
C ARG A 55 -0.41 8.07 -12.09
N ASN A 56 -0.99 7.04 -11.45
CA ASN A 56 -0.23 5.85 -11.08
C ASN A 56 0.47 5.25 -12.29
N TYR A 57 -0.28 5.00 -13.36
CA TYR A 57 0.25 4.23 -14.49
C TYR A 57 1.13 5.09 -15.41
N THR A 58 0.93 6.41 -15.43
CA THR A 58 1.92 7.26 -16.07
C THR A 58 3.26 7.20 -15.34
N ILE A 59 3.25 7.29 -14.01
CA ILE A 59 4.49 7.18 -13.23
C ILE A 59 5.21 5.87 -13.56
N GLY A 60 4.47 4.76 -13.53
CA GLY A 60 5.05 3.49 -13.95
C GLY A 60 5.66 3.54 -15.33
N ASP A 61 4.99 4.22 -16.27
CA ASP A 61 5.43 4.26 -17.65
C ASP A 61 6.66 5.13 -17.84
N VAL A 62 6.78 6.22 -17.07
CA VAL A 62 7.99 7.05 -17.14
C VAL A 62 9.20 6.21 -16.75
N LEU A 63 9.14 5.56 -15.60
CA LEU A 63 10.25 4.74 -15.14
C LEU A 63 10.54 3.59 -16.10
N SER A 64 9.48 2.95 -16.61
CA SER A 64 9.67 1.85 -17.56
C SER A 64 10.32 2.33 -18.86
N ARG A 65 9.84 3.44 -19.41
CA ARG A 65 10.43 3.95 -20.65
C ARG A 65 11.86 4.43 -20.44
N PHE A 66 12.16 5.00 -19.28
CA PHE A 66 13.53 5.42 -18.99
C PHE A 66 14.48 4.24 -19.03
N LYS A 67 14.13 3.14 -18.36
CA LYS A 67 15.02 1.99 -18.35
C LYS A 67 15.12 1.35 -19.74
N LEU A 68 13.99 1.32 -20.47
CA LEU A 68 14.00 0.84 -21.84
C LEU A 68 15.03 1.58 -22.69
N LEU A 69 14.99 2.92 -22.65
CA LEU A 69 15.96 3.71 -23.41
C LEU A 69 17.39 3.48 -22.93
N ASN A 70 17.57 2.97 -21.71
CA ASN A 70 18.87 2.63 -21.17
C ASN A 70 19.25 1.18 -21.41
N GLY A 71 18.53 0.48 -22.29
CA GLY A 71 18.93 -0.85 -22.70
C GLY A 71 18.46 -1.99 -21.82
N PHE A 72 17.49 -1.75 -20.96
CA PHE A 72 16.98 -2.84 -20.14
C PHE A 72 15.89 -3.60 -20.91
N ASN A 73 15.79 -4.89 -20.61
CA ASN A 73 14.66 -5.70 -21.05
C ASN A 73 13.54 -5.46 -20.04
N VAL A 74 12.64 -4.53 -20.34
CA VAL A 74 11.68 -4.05 -19.34
C VAL A 74 10.39 -4.86 -19.44
N MET A 75 9.96 -5.42 -18.33
CA MET A 75 8.60 -5.95 -18.23
C MET A 75 7.77 -4.97 -17.42
N GLN A 76 6.70 -4.47 -18.04
CA GLN A 76 5.71 -3.64 -17.36
C GLN A 76 4.34 -4.27 -17.64
N PRO A 77 3.88 -5.15 -16.77
CA PRO A 77 2.62 -5.86 -17.00
C PRO A 77 1.41 -5.17 -16.39
N MET A 78 0.23 -5.48 -16.95
CA MET A 78 -1.03 -4.96 -16.46
C MET A 78 -2.07 -6.06 -16.48
N GLY A 79 -2.92 -6.06 -15.46
CA GLY A 79 -4.00 -7.00 -15.36
C GLY A 79 -5.09 -6.43 -14.46
N TRP A 80 -5.97 -7.31 -14.00
CA TRP A 80 -7.22 -6.88 -13.38
C TRP A 80 -7.46 -7.65 -12.09
N ASP A 81 -7.53 -6.93 -10.98
CA ASP A 81 -7.90 -7.46 -9.66
C ASP A 81 -9.43 -7.52 -9.66
N ALA A 82 -9.98 -8.65 -10.13
CA ALA A 82 -11.35 -8.65 -10.62
C ALA A 82 -12.38 -9.23 -9.66
N PHE A 83 -11.98 -10.04 -8.68
CA PHE A 83 -12.99 -10.47 -7.71
C PHE A 83 -13.29 -9.34 -6.73
N GLY A 84 -14.43 -9.44 -6.07
CA GLY A 84 -14.73 -8.48 -5.04
C GLY A 84 -16.17 -8.04 -5.01
N MET A 85 -16.50 -7.23 -4.01
CA MET A 85 -17.86 -6.75 -3.75
C MET A 85 -18.47 -5.88 -4.86
N PRO A 86 -17.72 -4.95 -5.49
CA PRO A 86 -18.36 -4.06 -6.47
C PRO A 86 -19.16 -4.78 -7.53
N ALA A 87 -18.64 -5.87 -8.10
CA ALA A 87 -19.40 -6.57 -9.13
C ALA A 87 -20.68 -7.16 -8.57
N GLU A 88 -20.67 -7.59 -7.30
CA GLU A 88 -21.91 -8.07 -6.69
C GLU A 88 -22.89 -6.92 -6.46
N ASN A 89 -22.38 -5.73 -6.15
CA ASN A 89 -23.23 -4.55 -6.01
C ASN A 89 -23.86 -4.16 -7.34
N ALA A 90 -23.05 -4.08 -8.39
CA ALA A 90 -23.60 -3.79 -9.71
C ALA A 90 -24.61 -4.82 -10.13
N ALA A 91 -24.41 -6.08 -9.72
CA ALA A 91 -25.34 -7.16 -10.06
C ALA A 91 -26.66 -7.04 -9.29
N MET A 92 -26.62 -6.50 -8.08
CA MET A 92 -27.86 -6.23 -7.36
C MET A 92 -28.54 -4.98 -7.88
N LYS A 93 -27.77 -4.00 -8.35
CA LYS A 93 -28.37 -2.80 -8.92
C LYS A 93 -28.94 -3.09 -10.31
N ASN A 94 -28.08 -3.46 -11.25
CA ASN A 94 -28.46 -3.56 -12.66
C ASN A 94 -29.05 -4.90 -13.06
N ASN A 95 -29.06 -5.90 -12.17
CA ASN A 95 -29.59 -7.22 -12.48
C ASN A 95 -28.81 -7.91 -13.61
N VAL A 96 -27.49 -7.90 -13.48
CA VAL A 96 -26.58 -8.54 -14.45
C VAL A 96 -25.66 -9.49 -13.68
N ALA A 97 -24.94 -10.31 -14.42
CA ALA A 97 -24.05 -11.21 -13.71
C ALA A 97 -22.74 -10.48 -13.39
N PRO A 98 -22.23 -10.65 -12.17
CA PRO A 98 -20.94 -10.04 -11.83
C PRO A 98 -19.86 -10.35 -12.83
N ALA A 99 -19.84 -11.56 -13.38
CA ALA A 99 -18.83 -11.89 -14.38
C ALA A 99 -19.04 -11.10 -15.66
N ALA A 100 -20.29 -10.98 -16.12
CA ALA A 100 -20.56 -10.18 -17.31
C ALA A 100 -20.16 -8.74 -17.09
N TRP A 101 -20.49 -8.20 -15.93
CA TRP A 101 -20.14 -6.83 -15.58
C TRP A 101 -18.63 -6.66 -15.46
N THR A 102 -17.95 -7.63 -14.85
CA THR A 102 -16.50 -7.56 -14.71
C THR A 102 -15.81 -7.54 -16.06
N TYR A 103 -16.21 -8.43 -16.97
CA TYR A 103 -15.52 -8.53 -18.25
C TYR A 103 -15.78 -7.31 -19.12
N ASP A 104 -17.01 -6.78 -19.08
CA ASP A 104 -17.25 -5.57 -19.87
C ASP A 104 -16.43 -4.40 -19.36
N ASN A 105 -16.21 -4.31 -18.04
CA ASN A 105 -15.37 -3.22 -17.56
C ASN A 105 -13.92 -3.45 -17.95
N ILE A 106 -13.48 -4.70 -17.98
CA ILE A 106 -12.08 -4.98 -18.31
C ILE A 106 -11.80 -4.55 -19.74
N GLU A 107 -12.72 -4.84 -20.66
CA GLU A 107 -12.52 -4.47 -22.05
C GLU A 107 -12.52 -2.96 -22.22
N TYR A 108 -13.40 -2.25 -21.50
CA TYR A 108 -13.43 -0.81 -21.69
C TYR A 108 -12.18 -0.15 -21.12
N MET A 109 -11.80 -0.53 -19.90
CA MET A 109 -10.62 0.07 -19.27
C MET A 109 -9.35 -0.30 -20.04
N LYS A 110 -9.33 -1.46 -20.70
CA LYS A 110 -8.17 -1.84 -21.49
C LYS A 110 -7.96 -0.87 -22.65
N THR A 111 -9.04 -0.55 -23.37
CA THR A 111 -8.94 0.45 -24.44
C THR A 111 -8.42 1.77 -23.89
N GLN A 112 -8.96 2.20 -22.74
CA GLN A 112 -8.49 3.43 -22.13
C GLN A 112 -6.99 3.41 -21.89
N LEU A 113 -6.49 2.31 -21.31
CA LEU A 113 -5.06 2.22 -21.05
C LEU A 113 -4.27 2.25 -22.35
N LYS A 114 -4.77 1.55 -23.39
CA LYS A 114 -4.07 1.53 -24.67
C LYS A 114 -4.00 2.92 -25.29
N SER A 115 -5.09 3.68 -25.20
CA SER A 115 -5.08 5.00 -25.81
C SER A 115 -4.10 5.95 -25.12
N LEU A 116 -3.69 5.65 -23.88
CA LEU A 116 -2.72 6.48 -23.19
C LEU A 116 -1.28 6.16 -23.56
N GLY A 117 -1.06 5.12 -24.37
CA GLY A 117 0.28 4.78 -24.81
C GLY A 117 1.21 4.21 -23.76
N PHE A 118 0.68 3.46 -22.78
CA PHE A 118 1.54 2.81 -21.81
C PHE A 118 2.31 1.65 -22.46
N ALA A 119 3.61 1.59 -22.20
CA ALA A 119 4.50 0.57 -22.77
C ALA A 119 4.35 -0.76 -22.03
N VAL A 120 3.22 -1.41 -22.28
CA VAL A 120 2.76 -2.53 -21.47
C VAL A 120 2.83 -3.80 -22.31
N ASP A 121 3.29 -4.88 -21.70
CA ASP A 121 3.26 -6.21 -22.32
C ASP A 121 1.87 -6.80 -22.16
N TRP A 122 0.97 -6.48 -23.10
CA TRP A 122 -0.40 -6.96 -23.05
C TRP A 122 -0.51 -8.46 -23.26
N GLU A 123 0.55 -9.13 -23.69
CA GLU A 123 0.54 -10.59 -23.76
C GLU A 123 0.72 -11.25 -22.40
N ARG A 124 1.03 -10.47 -21.36
CA ARG A 124 1.13 -10.97 -20.00
C ARG A 124 -0.10 -10.61 -19.17
N GLU A 125 -1.17 -10.15 -19.81
CA GLU A 125 -2.37 -9.75 -19.11
C GLU A 125 -2.99 -10.92 -18.35
N VAL A 126 -3.28 -10.71 -17.06
CA VAL A 126 -4.05 -11.66 -16.26
C VAL A 126 -5.35 -11.00 -15.82
N ALA A 127 -6.38 -11.83 -15.63
CA ALA A 127 -7.62 -11.41 -15.00
C ALA A 127 -7.90 -12.39 -13.88
N THR A 128 -7.92 -11.92 -12.63
CA THR A 128 -7.88 -12.86 -11.52
C THR A 128 -9.17 -13.67 -11.35
N CYS A 129 -10.26 -13.30 -12.03
CA CYS A 129 -11.50 -14.07 -11.95
C CYS A 129 -11.53 -15.21 -12.97
N LYS A 130 -10.42 -15.47 -13.67
CA LYS A 130 -10.44 -16.62 -14.56
C LYS A 130 -9.98 -17.87 -13.80
N PRO A 131 -10.59 -19.02 -14.09
CA PRO A 131 -10.12 -20.27 -13.47
C PRO A 131 -8.64 -20.54 -13.73
N GLU A 132 -8.13 -20.14 -14.89
CA GLU A 132 -6.72 -20.32 -15.20
C GLU A 132 -5.83 -19.57 -14.22
N TYR A 133 -6.33 -18.49 -13.62
CA TYR A 133 -5.58 -17.80 -12.58
C TYR A 133 -5.83 -18.45 -11.20
N TYR A 134 -7.08 -18.47 -10.73
CA TYR A 134 -7.28 -18.74 -9.32
C TYR A 134 -7.12 -20.21 -8.97
N ARG A 135 -7.10 -21.11 -9.95
CA ARG A 135 -6.79 -22.50 -9.65
C ARG A 135 -5.48 -22.60 -8.87
N TRP A 136 -4.54 -21.70 -9.13
CA TRP A 136 -3.22 -21.84 -8.53
C TRP A 136 -3.17 -21.36 -7.10
N GLU A 137 -4.04 -20.40 -6.72
CA GLU A 137 -4.11 -20.07 -5.30
C GLU A 137 -4.94 -21.11 -4.55
N GLN A 138 -5.92 -21.74 -5.22
CA GLN A 138 -6.55 -22.91 -4.64
C GLN A 138 -5.53 -24.04 -4.42
N TRP A 139 -4.63 -24.24 -5.38
CA TRP A 139 -3.60 -25.25 -5.21
C TRP A 139 -2.71 -24.94 -4.01
N LEU A 140 -2.25 -23.69 -3.90
CA LEU A 140 -1.42 -23.33 -2.75
C LEU A 140 -2.19 -23.52 -1.45
N PHE A 141 -3.47 -23.15 -1.45
CA PHE A 141 -4.35 -23.39 -0.31
C PHE A 141 -4.29 -24.85 0.13
N THR A 142 -4.51 -25.78 -0.79
CA THR A 142 -4.52 -27.20 -0.43
C THR A 142 -3.16 -27.63 0.16
N LYS A 143 -2.07 -27.21 -0.46
CA LYS A 143 -0.74 -27.59 0.04
C LYS A 143 -0.51 -27.08 1.46
N LEU A 144 -0.85 -25.82 1.72
CA LEU A 144 -0.66 -25.28 3.06
C LEU A 144 -1.63 -25.88 4.05
N PHE A 145 -2.84 -26.22 3.61
CA PHE A 145 -3.82 -26.87 4.48
C PHE A 145 -3.28 -28.19 5.00
N GLU A 146 -2.59 -28.95 4.15
CA GLU A 146 -2.02 -30.23 4.56
C GLU A 146 -0.93 -30.05 5.61
N LYS A 147 -0.14 -28.99 5.50
CA LYS A 147 0.92 -28.70 6.46
C LYS A 147 0.42 -28.00 7.72
N GLY A 148 -0.83 -27.53 7.73
CA GLY A 148 -1.38 -26.81 8.85
C GLY A 148 -1.12 -25.33 8.84
N ILE A 149 -0.41 -24.81 7.83
CA ILE A 149 -0.23 -23.38 7.71
C ILE A 149 -1.57 -22.70 7.44
N VAL A 150 -2.48 -23.39 6.76
CA VAL A 150 -3.87 -22.98 6.66
C VAL A 150 -4.66 -23.91 7.57
N TYR A 151 -5.57 -23.34 8.35
CA TYR A 151 -6.31 -24.17 9.29
C TYR A 151 -7.71 -23.61 9.50
N ARG A 152 -8.58 -24.47 10.03
CA ARG A 152 -10.00 -24.17 10.22
C ARG A 152 -10.27 -24.04 11.72
N LYS A 153 -10.99 -22.99 12.10
CA LYS A 153 -11.35 -22.78 13.50
C LYS A 153 -12.51 -21.78 13.56
N ASN A 154 -13.29 -21.87 14.63
CA ASN A 154 -14.43 -20.98 14.77
C ASN A 154 -13.97 -19.54 15.02
N GLY A 155 -14.66 -18.59 14.39
CA GLY A 155 -14.42 -17.18 14.61
C GLY A 155 -15.75 -16.47 14.80
N THR A 156 -15.68 -15.23 15.26
CA THR A 156 -16.89 -14.44 15.52
C THR A 156 -17.09 -13.45 14.37
N VAL A 157 -18.32 -13.37 13.86
CA VAL A 157 -18.64 -12.47 12.75
C VAL A 157 -19.85 -11.62 13.11
N ASN A 158 -20.04 -10.55 12.34
CA ASN A 158 -21.18 -9.66 12.48
C ASN A 158 -22.26 -10.09 11.48
N TRP A 159 -23.31 -10.72 11.98
CA TRP A 159 -24.40 -11.16 11.12
C TRP A 159 -25.47 -10.08 11.07
N ASP A 160 -25.72 -9.55 9.87
CA ASP A 160 -26.84 -8.64 9.66
C ASP A 160 -28.08 -9.47 9.34
N PRO A 161 -29.10 -9.49 10.21
CA PRO A 161 -30.25 -10.36 9.97
C PRO A 161 -31.23 -9.83 8.94
N VAL A 162 -31.12 -8.59 8.50
CA VAL A 162 -32.01 -8.07 7.49
C VAL A 162 -31.42 -8.27 6.10
N ASP A 163 -30.18 -7.85 5.89
CA ASP A 163 -29.51 -8.08 4.62
C ASP A 163 -29.10 -9.54 4.44
N GLN A 164 -29.09 -10.32 5.52
CA GLN A 164 -28.77 -11.75 5.48
C GLN A 164 -27.36 -11.97 4.92
N THR A 165 -26.39 -11.25 5.46
CA THR A 165 -25.00 -11.58 5.17
C THR A 165 -24.12 -10.97 6.25
N VAL A 166 -22.83 -11.31 6.19
CA VAL A 166 -21.86 -10.96 7.21
C VAL A 166 -21.27 -9.59 6.88
N LEU A 167 -20.97 -8.82 7.91
CA LEU A 167 -20.47 -7.46 7.74
C LEU A 167 -19.14 -7.30 8.46
N ALA A 168 -18.22 -6.59 7.82
CA ALA A 168 -17.00 -6.16 8.47
C ALA A 168 -17.32 -5.08 9.49
N ASN A 169 -16.44 -4.95 10.50
CA ASN A 169 -16.62 -3.91 11.52
C ASN A 169 -16.78 -2.53 10.89
N GLU A 170 -16.09 -2.28 9.78
CA GLU A 170 -16.20 -0.99 9.09
C GLU A 170 -17.62 -0.72 8.60
N GLN A 171 -18.47 -1.76 8.47
CA GLN A 171 -19.85 -1.57 8.03
C GLN A 171 -20.85 -1.71 9.17
N VAL A 172 -20.42 -1.48 10.40
CA VAL A 172 -21.30 -1.52 11.57
C VAL A 172 -21.24 -0.17 12.26
N ILE A 173 -22.41 0.44 12.46
CA ILE A 173 -22.51 1.81 12.97
C ILE A 173 -23.43 1.75 14.19
N ASP A 174 -22.84 1.82 15.38
CA ASP A 174 -23.56 1.73 16.65
C ASP A 174 -24.35 0.43 16.76
N GLY A 175 -23.74 -0.66 16.31
CA GLY A 175 -24.34 -1.97 16.34
C GLY A 175 -25.28 -2.30 15.20
N ARG A 176 -25.45 -1.41 14.24
CA ARG A 176 -26.42 -1.59 13.17
C ARG A 176 -25.71 -1.63 11.82
N GLY A 177 -26.23 -2.48 10.93
CA GLY A 177 -25.63 -2.60 9.61
C GLY A 177 -25.71 -1.30 8.84
N TRP A 178 -24.71 -1.09 7.97
CA TRP A 178 -24.61 0.18 7.26
C TRP A 178 -25.82 0.40 6.35
N ARG A 179 -26.19 -0.61 5.57
CA ARG A 179 -27.30 -0.46 4.64
C ARG A 179 -28.65 -0.74 5.31
N SER A 180 -28.76 -1.89 5.99
CA SER A 180 -30.04 -2.31 6.53
C SER A 180 -30.52 -1.37 7.63
N GLY A 181 -29.63 -1.03 8.55
CA GLY A 181 -30.02 -0.33 9.77
C GLY A 181 -30.46 -1.24 10.90
N ALA A 182 -30.38 -2.56 10.73
CA ALA A 182 -30.79 -3.50 11.77
C ALA A 182 -29.64 -3.78 12.71
N LEU A 183 -29.99 -4.06 13.97
CA LEU A 183 -29.00 -4.43 14.98
C LEU A 183 -28.24 -5.69 14.56
N ILE A 184 -26.91 -5.61 14.58
CA ILE A 184 -26.06 -6.74 14.22
C ILE A 184 -26.15 -7.84 15.28
N GLU A 185 -26.02 -9.09 14.83
CA GLU A 185 -25.82 -10.23 15.71
C GLU A 185 -24.39 -10.71 15.59
N LYS A 186 -23.78 -11.01 16.73
CA LYS A 186 -22.45 -11.62 16.72
C LYS A 186 -22.61 -13.14 16.74
N ARG A 187 -21.99 -13.80 15.77
CA ARG A 187 -22.16 -15.22 15.53
C ARG A 187 -20.79 -15.89 15.42
N GLU A 188 -20.70 -17.13 15.90
CA GLU A 188 -19.47 -17.91 15.83
C GLU A 188 -19.63 -18.96 14.73
N ILE A 189 -18.81 -18.86 13.70
CA ILE A 189 -18.84 -19.78 12.57
C ILE A 189 -17.43 -20.29 12.27
N PRO A 190 -17.28 -21.52 11.79
CA PRO A 190 -15.95 -22.01 11.40
C PRO A 190 -15.45 -21.28 10.17
N MET A 191 -14.18 -20.87 10.21
CA MET A 191 -13.56 -20.19 9.09
C MET A 191 -12.12 -20.64 8.97
N TYR A 192 -11.47 -20.24 7.89
CA TYR A 192 -10.11 -20.67 7.59
C TYR A 192 -9.12 -19.53 7.81
N TYR A 193 -7.93 -19.90 8.26
CA TYR A 193 -6.92 -18.93 8.66
C TYR A 193 -5.56 -19.35 8.11
N PHE A 194 -4.78 -18.36 7.68
CA PHE A 194 -3.34 -18.53 7.44
C PHE A 194 -2.62 -18.31 8.76
N LYS A 195 -1.73 -19.23 9.09
CA LYS A 195 -0.92 -19.10 10.29
C LYS A 195 0.25 -18.15 10.00
N ILE A 196 -0.10 -16.91 9.65
CA ILE A 196 0.92 -15.90 9.37
C ILE A 196 1.78 -15.61 10.60
N THR A 197 1.27 -15.90 11.81
CA THR A 197 2.06 -15.70 13.01
C THR A 197 3.25 -16.65 13.10
N ASP A 198 3.23 -17.78 12.39
CA ASP A 198 4.45 -18.57 12.28
C ASP A 198 5.55 -17.88 11.48
N TYR A 199 5.22 -16.81 10.76
CA TYR A 199 6.20 -16.05 9.99
C TYR A 199 6.50 -14.68 10.57
N ALA A 200 5.96 -14.37 11.76
CA ALA A 200 6.10 -13.04 12.36
C ALA A 200 7.55 -12.56 12.37
N GLU A 201 8.44 -13.36 12.96
CA GLU A 201 9.82 -12.89 13.14
C GLU A 201 10.51 -12.71 11.80
N GLU A 202 10.23 -13.61 10.85
CA GLU A 202 10.74 -13.48 9.49
C GLU A 202 10.25 -12.20 8.82
N LEU A 203 8.93 -11.94 8.90
CA LEU A 203 8.40 -10.76 8.23
C LEU A 203 8.89 -9.48 8.88
N LEU A 204 9.14 -9.50 10.19
CA LEU A 204 9.67 -8.33 10.87
C LEU A 204 11.14 -8.12 10.50
N ASN A 205 11.95 -9.16 10.59
CA ASN A 205 13.39 -9.02 10.43
C ASN A 205 13.78 -8.64 9.01
N ASP A 206 13.15 -9.28 8.01
CA ASP A 206 13.51 -9.03 6.61
C ASP A 206 13.15 -7.63 6.15
N LEU A 207 12.34 -6.90 6.91
CA LEU A 207 12.11 -5.49 6.60
C LEU A 207 13.43 -4.73 6.51
N ASP A 208 14.44 -5.14 7.29
CA ASP A 208 15.72 -4.45 7.28
C ASP A 208 16.47 -4.62 5.96
N LYS A 209 16.09 -5.60 5.14
CA LYS A 209 16.70 -5.73 3.81
C LYS A 209 16.28 -4.63 2.86
N LEU A 210 15.17 -3.96 3.14
CA LEU A 210 14.52 -3.11 2.14
C LEU A 210 15.06 -1.70 2.28
N GLU A 211 16.27 -1.49 1.79
CA GLU A 211 16.92 -0.19 1.89
C GLU A 211 16.30 0.86 0.98
N HIS A 212 15.54 0.48 -0.04
CA HIS A 212 14.92 1.44 -0.94
C HIS A 212 13.40 1.52 -0.76
N TRP A 213 12.91 1.16 0.42
CA TRP A 213 11.53 1.42 0.81
C TRP A 213 11.45 2.69 1.64
N PRO A 214 10.38 3.48 1.48
CA PRO A 214 10.18 4.62 2.39
C PRO A 214 10.13 4.11 3.82
N GLU A 215 10.81 4.83 4.71
CA GLU A 215 10.94 4.32 6.06
C GLU A 215 9.60 4.30 6.79
N GLN A 216 8.64 5.12 6.39
CA GLN A 216 7.34 5.09 7.06
C GLN A 216 6.59 3.80 6.77
N VAL A 217 6.67 3.32 5.53
CA VAL A 217 6.04 2.03 5.20
C VAL A 217 6.64 0.93 6.07
N LYS A 218 7.96 0.92 6.21
CA LYS A 218 8.59 -0.11 7.04
C LYS A 218 8.19 0.04 8.49
N THR A 219 8.14 1.28 9.00
CA THR A 219 7.73 1.51 10.37
C THR A 219 6.28 1.09 10.59
N MET A 220 5.40 1.34 9.62
CA MET A 220 4.02 0.88 9.77
C MET A 220 3.93 -0.64 9.80
N GLN A 221 4.80 -1.32 9.05
CA GLN A 221 4.77 -2.78 9.08
C GLN A 221 5.31 -3.32 10.41
N ARG A 222 6.38 -2.73 10.93
CA ARG A 222 6.87 -3.16 12.24
C ARG A 222 5.81 -2.97 13.32
N ASN A 223 5.14 -1.81 13.32
CA ASN A 223 4.13 -1.53 14.34
C ASN A 223 2.93 -2.46 14.20
N TRP A 224 2.63 -2.92 12.98
CA TRP A 224 1.50 -3.81 12.80
C TRP A 224 1.83 -5.21 13.31
N ILE A 225 3.03 -5.70 13.01
CA ILE A 225 3.44 -6.98 13.56
C ILE A 225 3.56 -6.89 15.08
N GLY A 226 4.09 -5.76 15.56
CA GLY A 226 4.06 -5.44 16.97
C GLY A 226 4.73 -6.46 17.87
N LYS A 227 5.94 -6.89 17.50
CA LYS A 227 6.73 -7.71 18.40
C LYS A 227 7.07 -6.92 19.64
N SER A 228 7.08 -7.58 20.80
CA SER A 228 7.66 -6.99 22.00
C SER A 228 8.24 -8.10 22.86
N ARG A 229 9.21 -7.72 23.70
CA ARG A 229 9.87 -8.65 24.62
C ARG A 229 9.51 -8.21 26.03
N GLY A 230 8.69 -9.00 26.70
CA GLY A 230 8.14 -8.60 27.97
C GLY A 230 8.24 -9.72 28.98
N MET A 231 7.26 -9.74 29.88
CA MET A 231 7.33 -10.55 31.08
C MET A 231 5.95 -11.09 31.40
N THR A 232 5.84 -12.39 31.60
CA THR A 232 4.63 -12.95 32.18
C THR A 232 4.72 -12.80 33.69
N VAL A 233 3.69 -12.26 34.31
CA VAL A 233 3.67 -12.05 35.75
C VAL A 233 2.38 -12.64 36.31
N ARG A 234 2.50 -13.37 37.41
CA ARG A 234 1.33 -14.00 38.03
C ARG A 234 1.03 -13.30 39.35
N PHE A 235 -0.21 -12.86 39.51
CA PHE A 235 -0.69 -12.21 40.72
C PHE A 235 -1.60 -13.19 41.42
N ALA A 236 -1.22 -13.60 42.63
CA ALA A 236 -2.04 -14.55 43.38
C ALA A 236 -3.37 -13.92 43.75
N VAL A 237 -4.45 -14.66 43.53
CA VAL A 237 -5.77 -14.22 43.95
C VAL A 237 -5.87 -14.21 45.47
N SER A 238 -6.36 -13.11 46.03
CA SER A 238 -6.55 -13.02 47.47
C SER A 238 -7.59 -14.03 47.95
N ASP A 239 -7.41 -14.48 49.20
CA ASP A 239 -8.29 -15.51 49.77
C ASP A 239 -9.75 -15.10 49.73
N ASP A 240 -10.03 -13.81 49.80
CA ASP A 240 -11.38 -13.28 49.81
C ASP A 240 -12.01 -13.16 48.42
N SER A 241 -11.30 -13.52 47.35
CA SER A 241 -11.77 -13.26 46.00
C SER A 241 -11.94 -14.53 45.17
N LYS A 242 -11.88 -15.71 45.77
CA LYS A 242 -11.85 -16.93 44.98
C LYS A 242 -13.24 -17.45 44.62
N GLN A 243 -14.29 -16.79 45.08
CA GLN A 243 -15.65 -17.31 44.85
C GLN A 243 -15.96 -17.38 43.36
N GLY A 244 -16.47 -18.53 42.93
CA GLY A 244 -16.87 -18.73 41.56
C GLY A 244 -15.77 -19.02 40.58
N LEU A 245 -14.51 -19.09 41.02
CA LEU A 245 -13.41 -19.33 40.10
C LEU A 245 -13.02 -20.81 40.14
N GLU A 246 -12.55 -21.31 39.00
CA GLU A 246 -12.17 -22.72 38.87
C GLU A 246 -10.84 -22.82 38.15
N GLY A 247 -9.99 -23.73 38.64
CA GLY A 247 -8.74 -24.04 37.99
C GLY A 247 -7.59 -23.15 38.39
N ASP A 248 -6.78 -22.73 37.42
CA ASP A 248 -5.71 -21.78 37.72
C ASP A 248 -6.26 -20.37 37.95
N TYR A 249 -7.45 -20.08 37.43
CA TYR A 249 -8.06 -18.76 37.65
C TYR A 249 -8.43 -18.54 39.10
N ALA A 250 -8.59 -19.61 39.86
CA ALA A 250 -8.78 -19.50 41.31
C ALA A 250 -7.45 -19.40 42.06
N LYS A 251 -6.34 -19.75 41.42
CA LYS A 251 -5.02 -19.61 42.03
C LYS A 251 -4.41 -18.24 41.76
N PHE A 252 -4.41 -17.79 40.50
CA PHE A 252 -3.70 -16.56 40.15
C PHE A 252 -4.35 -15.87 38.96
N LEU A 253 -4.06 -14.57 38.85
CA LEU A 253 -4.32 -13.81 37.64
C LEU A 253 -3.02 -13.61 36.90
N GLN A 254 -2.94 -14.13 35.68
CA GLN A 254 -1.72 -14.01 34.89
C GLN A 254 -1.83 -12.81 33.97
N VAL A 255 -0.74 -12.07 33.83
CA VAL A 255 -0.70 -10.90 32.96
C VAL A 255 0.59 -10.92 32.16
N TYR A 256 0.57 -10.17 31.06
CA TYR A 256 1.75 -9.91 30.26
C TYR A 256 2.03 -8.41 30.30
N THR A 257 3.30 -8.05 30.50
CA THR A 257 3.69 -6.65 30.50
C THR A 257 5.04 -6.49 29.83
N THR A 258 5.21 -5.37 29.14
CA THR A 258 6.51 -5.02 28.58
C THR A 258 7.34 -4.17 29.52
N ARG A 259 6.79 -3.73 30.65
CA ARG A 259 7.48 -2.87 31.60
C ARG A 259 7.57 -3.53 32.98
N PRO A 260 8.24 -4.67 33.10
CA PRO A 260 8.36 -5.30 34.42
C PRO A 260 9.26 -4.52 35.36
N ASP A 261 10.06 -3.59 34.83
CA ASP A 261 10.87 -2.71 35.66
C ASP A 261 10.03 -1.74 36.48
N THR A 262 8.72 -1.68 36.24
CA THR A 262 7.84 -0.75 36.93
C THR A 262 6.84 -1.50 37.80
N LEU A 263 7.04 -2.80 38.00
CA LEU A 263 6.02 -3.62 38.64
C LEU A 263 5.77 -3.19 40.09
N MET A 264 6.78 -2.60 40.73
CA MET A 264 6.56 -1.96 42.02
C MET A 264 5.60 -0.79 41.93
N GLY A 265 5.35 -0.28 40.72
CA GLY A 265 4.43 0.82 40.46
C GLY A 265 3.00 0.42 40.18
N ALA A 266 2.67 -0.87 40.21
CA ALA A 266 1.31 -1.32 39.92
C ALA A 266 0.36 -0.87 41.02
N THR A 267 -0.77 -0.30 40.62
CA THR A 267 -1.77 0.19 41.56
C THR A 267 -3.16 -0.43 41.35
N TYR A 268 -3.38 -1.12 40.24
CA TYR A 268 -4.56 -1.94 40.00
C TYR A 268 -4.24 -2.83 38.80
N VAL A 269 -5.15 -3.74 38.49
CA VAL A 269 -5.04 -4.61 37.33
C VAL A 269 -6.38 -4.61 36.61
N ALA A 270 -6.35 -4.97 35.32
CA ALA A 270 -7.54 -4.91 34.48
C ALA A 270 -7.68 -6.18 33.66
N VAL A 271 -8.92 -6.68 33.52
CA VAL A 271 -9.19 -7.90 32.79
C VAL A 271 -10.22 -7.63 31.70
N ALA A 272 -10.26 -8.56 30.74
CA ALA A 272 -11.20 -8.44 29.63
C ALA A 272 -12.61 -8.82 30.08
N ALA A 273 -13.60 -8.32 29.33
CA ALA A 273 -14.99 -8.66 29.57
C ALA A 273 -15.21 -10.16 29.67
N GLU A 274 -14.43 -10.96 28.95
CA GLU A 274 -14.62 -12.40 28.93
C GLU A 274 -13.75 -13.14 29.95
N HIS A 275 -12.97 -12.42 30.75
CA HIS A 275 -12.07 -13.08 31.69
C HIS A 275 -12.87 -13.78 32.80
N PRO A 276 -12.38 -14.93 33.27
CA PRO A 276 -13.11 -15.64 34.34
C PRO A 276 -13.30 -14.80 35.59
N LEU A 277 -12.35 -13.92 35.93
CA LEU A 277 -12.55 -13.06 37.07
C LEU A 277 -13.71 -12.10 36.85
N ALA A 278 -13.86 -11.58 35.62
CA ALA A 278 -15.03 -10.75 35.33
C ALA A 278 -16.31 -11.57 35.43
N THR A 279 -16.29 -12.79 34.88
CA THR A 279 -17.46 -13.67 34.96
C THR A 279 -17.84 -13.93 36.42
N ALA A 280 -16.85 -14.29 37.23
CA ALA A 280 -17.13 -14.58 38.64
C ALA A 280 -17.59 -13.33 39.39
N ALA A 281 -17.06 -12.16 39.03
CA ALA A 281 -17.48 -10.94 39.71
C ALA A 281 -18.85 -10.48 39.26
N ALA A 282 -19.19 -10.70 38.00
CA ALA A 282 -20.48 -10.22 37.52
C ALA A 282 -21.65 -11.04 38.04
N ALA A 283 -21.39 -12.20 38.65
CA ALA A 283 -22.45 -13.16 38.93
C ALA A 283 -23.53 -12.57 39.84
N ASP A 284 -23.17 -11.67 40.74
CA ASP A 284 -24.13 -11.05 41.66
C ASP A 284 -24.20 -9.54 41.50
N LYS A 285 -23.78 -9.00 40.35
CA LYS A 285 -23.70 -7.55 40.15
C LYS A 285 -24.23 -7.17 38.77
N PRO A 286 -25.44 -6.63 38.69
CA PRO A 286 -26.02 -6.30 37.38
C PRO A 286 -25.21 -5.27 36.61
N GLU A 287 -24.61 -4.30 37.30
CA GLU A 287 -23.85 -3.27 36.60
C GLU A 287 -22.65 -3.89 35.88
N LEU A 288 -21.97 -4.85 36.49
CA LEU A 288 -20.89 -5.54 35.80
C LEU A 288 -21.43 -6.35 34.62
N GLN A 289 -22.57 -7.03 34.83
CA GLN A 289 -23.19 -7.77 33.73
C GLN A 289 -23.45 -6.87 32.53
N ALA A 290 -23.98 -5.67 32.79
CA ALA A 290 -24.27 -4.74 31.69
C ALA A 290 -22.98 -4.24 31.04
N PHE A 291 -21.97 -3.93 31.85
CA PHE A 291 -20.69 -3.51 31.29
C PHE A 291 -20.10 -4.60 30.40
N ILE A 292 -20.20 -5.86 30.84
CA ILE A 292 -19.70 -6.96 30.02
C ILE A 292 -20.50 -7.10 28.72
N ALA A 293 -21.83 -6.93 28.79
CA ALA A 293 -22.66 -7.03 27.60
C ALA A 293 -22.24 -6.00 26.55
N GLU A 294 -22.05 -4.75 26.96
CA GLU A 294 -21.70 -3.71 26.01
C GLU A 294 -20.32 -3.92 25.40
N CYS A 295 -19.37 -4.47 26.17
CA CYS A 295 -18.07 -4.82 25.61
C CYS A 295 -18.22 -5.89 24.54
N LYS A 296 -18.99 -6.95 24.83
CA LYS A 296 -19.18 -8.03 23.87
C LYS A 296 -19.88 -7.54 22.62
N ALA A 297 -20.87 -6.64 22.77
CA ALA A 297 -21.62 -6.11 21.64
C ALA A 297 -20.87 -5.07 20.82
N GLY A 298 -19.64 -4.71 21.19
CA GLY A 298 -18.91 -3.70 20.45
C GLY A 298 -18.32 -4.23 19.16
N SER A 299 -18.04 -3.30 18.23
CA SER A 299 -17.39 -3.60 16.96
C SER A 299 -16.25 -2.61 16.70
N VAL A 300 -15.39 -2.42 17.71
CA VAL A 300 -14.30 -1.44 17.61
C VAL A 300 -13.25 -1.99 16.65
N ALA A 301 -13.21 -1.45 15.44
CA ALA A 301 -12.21 -1.86 14.47
C ALA A 301 -10.80 -1.46 14.93
N GLU A 302 -9.82 -2.26 14.50
CA GLU A 302 -8.44 -2.07 14.94
C GLU A 302 -7.95 -0.65 14.66
N ALA A 303 -8.27 -0.12 13.48
CA ALA A 303 -7.85 1.24 13.14
C ALA A 303 -8.49 2.30 14.01
N ASP A 304 -9.49 1.94 14.81
CA ASP A 304 -10.16 2.86 15.73
C ASP A 304 -9.96 2.48 17.20
N MET A 305 -9.19 1.43 17.50
CA MET A 305 -9.12 0.90 18.86
C MET A 305 -8.64 1.93 19.87
N ALA A 306 -7.66 2.75 19.49
CA ALA A 306 -7.12 3.74 20.43
C ALA A 306 -7.93 5.02 20.47
N THR A 307 -8.74 5.30 19.43
CA THR A 307 -9.65 6.43 19.44
C THR A 307 -10.86 6.18 20.33
N MET A 308 -11.04 4.95 20.81
CA MET A 308 -12.15 4.59 21.67
C MET A 308 -11.90 5.09 23.09
N GLU A 309 -12.95 5.56 23.76
CA GLU A 309 -12.81 6.00 25.14
C GLU A 309 -12.65 4.79 26.07
N LYS A 310 -11.60 4.83 26.89
CA LYS A 310 -11.32 3.73 27.79
C LYS A 310 -12.25 3.82 29.01
N LYS A 311 -12.91 2.72 29.33
CA LYS A 311 -13.82 2.67 30.46
C LYS A 311 -13.65 1.34 31.19
N GLY A 312 -13.96 1.37 32.49
CA GLY A 312 -13.92 0.16 33.28
C GLY A 312 -14.84 0.26 34.48
N VAL A 313 -14.93 -0.85 35.21
CA VAL A 313 -15.72 -0.93 36.44
C VAL A 313 -14.94 -1.74 37.46
N PRO A 314 -14.97 -1.38 38.74
CA PRO A 314 -14.29 -2.21 39.74
C PRO A 314 -15.07 -3.49 39.98
N THR A 315 -14.35 -4.59 40.13
CA THR A 315 -15.01 -5.87 40.32
C THR A 315 -15.20 -6.20 41.79
N GLY A 316 -14.44 -5.58 42.67
CA GLY A 316 -14.43 -5.96 44.06
C GLY A 316 -13.59 -7.17 44.39
N ARG A 317 -12.83 -7.70 43.43
CA ARG A 317 -11.93 -8.82 43.65
C ARG A 317 -10.49 -8.30 43.69
N TYR A 318 -9.62 -9.05 44.37
CA TYR A 318 -8.26 -8.56 44.60
C TYR A 318 -7.21 -9.63 44.31
N VAL A 319 -6.03 -9.17 43.92
CA VAL A 319 -4.86 -10.00 43.65
C VAL A 319 -3.67 -9.37 44.35
N VAL A 320 -2.60 -10.16 44.48
CA VAL A 320 -1.43 -9.82 45.30
C VAL A 320 -0.22 -9.66 44.39
N ASN A 321 0.43 -8.50 44.48
CA ASN A 321 1.67 -8.26 43.74
C ASN A 321 2.75 -9.19 44.26
N PRO A 322 3.33 -10.04 43.41
CA PRO A 322 4.32 -11.02 43.92
C PRO A 322 5.63 -10.41 44.40
N LEU A 323 5.91 -9.14 44.09
CA LEU A 323 7.16 -8.50 44.44
C LEU A 323 7.09 -7.70 45.74
N ASN A 324 5.99 -6.98 45.99
CA ASN A 324 5.85 -6.22 47.21
C ASN A 324 4.69 -6.66 48.10
N GLY A 325 3.82 -7.55 47.62
CA GLY A 325 2.70 -8.03 48.41
C GLY A 325 1.50 -7.12 48.47
N ASP A 326 1.53 -5.95 47.83
CA ASP A 326 0.40 -5.05 47.87
C ASP A 326 -0.80 -5.64 47.15
N LYS A 327 -1.99 -5.41 47.69
CA LYS A 327 -3.23 -5.96 47.13
C LYS A 327 -3.79 -4.98 46.12
N LEU A 328 -4.12 -5.49 44.92
CA LEU A 328 -4.61 -4.67 43.82
C LEU A 328 -6.03 -5.10 43.47
N GLU A 329 -6.92 -4.13 43.32
CA GLU A 329 -8.28 -4.43 42.88
C GLU A 329 -8.31 -4.75 41.40
N VAL A 330 -9.09 -5.75 41.04
CA VAL A 330 -9.30 -6.11 39.64
C VAL A 330 -10.39 -5.23 39.06
N TRP A 331 -10.11 -4.66 37.90
CA TRP A 331 -11.10 -3.91 37.14
C TRP A 331 -11.37 -4.65 35.83
N ILE A 332 -12.61 -4.61 35.36
CA ILE A 332 -12.91 -5.00 33.99
C ILE A 332 -12.80 -3.75 33.14
N ALA A 333 -12.06 -3.84 32.04
CA ALA A 333 -11.81 -2.68 31.21
C ALA A 333 -12.17 -3.02 29.77
N ASN A 334 -12.65 -2.01 29.04
CA ASN A 334 -13.05 -2.22 27.65
C ASN A 334 -11.86 -2.23 26.71
N TYR A 335 -10.68 -1.83 27.16
CA TYR A 335 -9.50 -1.85 26.29
C TYR A 335 -8.69 -3.14 26.41
N VAL A 336 -9.03 -4.04 27.33
CA VAL A 336 -8.32 -5.31 27.47
C VAL A 336 -9.04 -6.35 26.62
N LEU A 337 -8.33 -6.94 25.66
CA LEU A 337 -8.94 -7.72 24.59
C LEU A 337 -8.70 -9.21 24.80
N TRP A 338 -9.78 -9.97 24.88
CA TRP A 338 -9.67 -11.40 25.02
C TRP A 338 -9.03 -11.99 23.78
N GLY A 339 -8.05 -12.85 23.97
CA GLY A 339 -7.30 -13.42 22.86
C GLY A 339 -5.94 -12.78 22.63
N TYR A 340 -5.70 -11.59 23.14
CA TYR A 340 -4.37 -10.97 23.11
C TYR A 340 -3.64 -11.36 24.40
N GLY A 341 -2.82 -12.39 24.32
CA GLY A 341 -2.12 -12.84 25.51
C GLY A 341 -3.09 -13.41 26.53
N ASP A 342 -2.91 -13.02 27.79
CA ASP A 342 -3.72 -13.52 28.90
C ASP A 342 -5.07 -12.84 29.01
N GLY A 343 -5.38 -11.85 28.16
CA GLY A 343 -6.63 -11.13 28.31
C GLY A 343 -6.70 -10.34 29.61
N ALA A 344 -5.55 -9.90 30.11
CA ALA A 344 -5.46 -9.22 31.39
C ALA A 344 -4.13 -8.51 31.43
N VAL A 345 -4.11 -7.33 32.07
CA VAL A 345 -2.93 -6.48 32.13
C VAL A 345 -2.80 -5.92 33.53
N MET A 346 -1.58 -5.49 33.86
CA MET A 346 -1.35 -4.64 35.01
C MET A 346 -1.32 -3.18 34.55
N ALA A 347 -1.58 -2.29 35.50
CA ALA A 347 -1.63 -0.86 35.20
C ALA A 347 -0.63 -0.12 36.09
N VAL A 348 0.17 0.74 35.47
CA VAL A 348 1.15 1.56 36.17
C VAL A 348 0.89 3.01 35.77
N PRO A 349 -0.05 3.69 36.42
CA PRO A 349 -0.45 5.03 35.96
C PRO A 349 0.69 6.04 35.80
N ALA A 350 1.75 5.93 36.59
CA ALA A 350 2.81 6.93 36.55
C ALA A 350 3.68 6.84 35.30
N HIS A 351 3.74 5.70 34.62
CA HIS A 351 4.69 5.53 33.53
C HIS A 351 4.06 4.93 32.29
N ASP A 352 2.73 4.98 32.16
CA ASP A 352 2.02 4.56 30.97
C ASP A 352 0.88 5.54 30.73
N GLU A 353 0.85 6.17 29.55
CA GLU A 353 -0.08 7.27 29.33
C GLU A 353 -1.54 6.83 29.37
N ARG A 354 -1.84 5.68 28.77
CA ARG A 354 -3.20 5.15 28.86
C ARG A 354 -3.60 4.87 30.31
N ASP A 355 -2.70 4.26 31.08
CA ASP A 355 -2.96 4.05 32.50
C ASP A 355 -3.08 5.39 33.23
N PHE A 356 -2.29 6.38 32.81
CA PHE A 356 -2.41 7.70 33.40
C PHE A 356 -3.81 8.28 33.16
N GLU A 357 -4.32 8.19 31.92
CA GLU A 357 -5.64 8.74 31.62
C GLU A 357 -6.74 7.98 32.34
N PHE A 358 -6.60 6.66 32.41
CA PHE A 358 -7.58 5.82 33.09
C PHE A 358 -7.60 6.09 34.59
N ALA A 359 -6.41 6.11 35.21
CA ALA A 359 -6.33 6.44 36.64
C ALA A 359 -6.84 7.83 36.95
N ALA A 360 -6.66 8.78 36.03
CA ALA A 360 -7.10 10.14 36.27
C ALA A 360 -8.63 10.23 36.23
N LYS A 361 -9.25 9.55 35.28
CA LYS A 361 -10.71 9.53 35.21
C LYS A 361 -11.31 8.99 36.50
N TYR A 362 -10.75 7.90 37.03
CA TYR A 362 -11.36 7.17 38.13
C TYR A 362 -10.71 7.48 39.48
N ASN A 363 -9.75 8.40 39.51
CA ASN A 363 -8.98 8.72 40.72
C ASN A 363 -8.32 7.48 41.31
N LEU A 364 -7.84 6.60 40.43
CA LEU A 364 -7.04 5.49 40.90
C LEU A 364 -5.62 5.98 41.20
N PRO A 365 -4.92 5.31 42.13
CA PRO A 365 -3.61 5.80 42.55
C PRO A 365 -2.55 5.69 41.46
N LYS A 366 -1.59 6.61 41.52
CA LYS A 366 -0.43 6.63 40.65
C LYS A 366 0.83 6.64 41.51
N LYS A 367 1.74 5.70 41.25
CA LYS A 367 2.92 5.49 42.08
C LYS A 367 4.17 5.59 41.21
N GLN A 368 4.97 6.64 41.43
CA GLN A 368 6.21 6.79 40.69
C GLN A 368 7.22 5.73 41.11
N VAL A 369 7.79 5.02 40.13
CA VAL A 369 8.92 4.14 40.39
C VAL A 369 10.07 4.36 39.42
N ILE A 370 9.91 5.22 38.41
CA ILE A 370 10.99 5.55 37.49
C ILE A 370 11.34 7.03 37.69
N ALA A 371 12.63 7.32 37.70
CA ALA A 371 13.14 8.68 37.73
C ALA A 371 14.05 8.93 36.52
N VAL A 372 13.99 10.14 35.99
CA VAL A 372 14.79 10.55 34.85
C VAL A 372 15.42 11.90 35.17
N GLY A 373 16.74 11.93 35.30
CA GLY A 373 17.43 13.18 35.56
C GLY A 373 16.93 13.84 36.83
N ASP A 374 16.72 15.16 36.75
CA ASP A 374 16.13 15.94 37.81
C ASP A 374 14.72 16.40 37.47
N ASN A 375 14.05 15.70 36.56
CA ASN A 375 12.74 16.12 36.07
C ASN A 375 11.72 16.18 37.21
N ALA A 376 10.74 17.05 37.04
CA ALA A 376 9.67 17.17 38.02
C ALA A 376 8.61 16.12 37.75
N PHE A 377 8.24 15.35 38.78
CA PHE A 377 7.13 14.41 38.67
C PHE A 377 5.90 15.01 39.32
N ASP A 378 4.89 15.31 38.51
CA ASP A 378 3.60 15.79 38.98
C ASP A 378 2.55 14.72 38.70
N ALA A 379 1.93 14.20 39.75
CA ALA A 379 0.91 13.17 39.62
C ALA A 379 -0.34 13.65 38.89
N ASN A 380 -0.46 14.93 38.57
CA ASN A 380 -1.64 15.45 37.89
C ASN A 380 -1.46 15.62 36.40
N ARG A 381 -0.26 15.96 35.93
CA ARG A 381 -0.01 16.22 34.52
C ARG A 381 0.93 15.16 33.97
N TRP A 382 0.48 14.43 32.96
CA TRP A 382 1.39 13.52 32.25
C TRP A 382 2.53 14.31 31.62
N GLN A 383 3.73 13.74 31.67
CA GLN A 383 4.86 14.29 30.94
C GLN A 383 5.52 13.16 30.15
N GLU A 384 6.08 13.52 28.98
CA GLU A 384 6.59 12.50 28.07
C GLU A 384 7.70 11.68 28.70
N TRP A 385 8.48 12.27 29.61
CA TRP A 385 9.55 11.50 30.21
C TRP A 385 9.03 10.43 31.17
N TYR A 386 7.75 10.47 31.55
CA TYR A 386 7.21 9.41 32.41
C TYR A 386 7.38 8.03 31.78
N GLY A 387 7.32 7.94 30.45
CA GLY A 387 7.44 6.65 29.78
C GLY A 387 8.77 6.39 29.10
N ASP A 388 9.84 7.02 29.59
CA ASP A 388 11.16 6.84 29.00
C ASP A 388 11.83 5.57 29.51
N LYS A 389 12.31 4.74 28.59
CA LYS A 389 12.99 3.50 28.95
C LYS A 389 14.50 3.67 29.01
N GLU A 390 15.10 4.31 28.01
CA GLU A 390 16.55 4.34 27.90
C GLU A 390 17.19 5.17 29.01
N ASN A 391 16.58 6.30 29.35
CA ASN A 391 17.22 7.26 30.23
C ASN A 391 16.52 7.35 31.59
N GLY A 392 16.25 6.21 32.22
CA GLY A 392 15.51 6.19 33.46
C GLY A 392 16.19 5.33 34.52
N VAL A 393 15.87 5.66 35.78
CA VAL A 393 16.39 4.94 36.93
C VAL A 393 15.23 4.63 37.87
N LEU A 394 15.31 3.47 38.53
CA LEU A 394 14.25 3.05 39.43
C LEU A 394 14.33 3.75 40.78
N VAL A 395 13.16 4.03 41.35
CA VAL A 395 12.99 4.65 42.65
C VAL A 395 11.77 4.04 43.30
N ASN A 396 11.68 4.14 44.64
CA ASN A 396 10.54 3.61 45.39
C ASN A 396 10.30 2.14 45.08
N SER A 397 11.37 1.39 44.82
CA SER A 397 11.26 0.00 44.41
C SER A 397 12.08 -0.92 45.31
N GLY A 398 12.51 -0.43 46.47
CA GLY A 398 13.25 -1.23 47.41
C GLY A 398 14.60 -1.70 46.90
N ASP A 399 14.73 -3.01 46.72
CA ASP A 399 16.00 -3.60 46.27
C ASP A 399 16.40 -3.07 44.91
N LEU A 400 15.41 -2.78 44.06
CA LEU A 400 15.61 -2.45 42.66
C LEU A 400 16.01 -1.01 42.42
N ASP A 401 16.00 -0.16 43.45
CA ASP A 401 16.33 1.25 43.26
C ASP A 401 17.71 1.40 42.65
N GLY A 402 17.87 2.41 41.79
CA GLY A 402 19.12 2.66 41.12
C GLY A 402 19.31 1.95 39.78
N LEU A 403 18.53 0.90 39.49
CA LEU A 403 18.77 0.11 38.29
C LEU A 403 18.18 0.81 37.08
N ASP A 404 18.80 0.57 35.92
CA ASP A 404 18.25 1.04 34.66
C ASP A 404 17.22 0.03 34.16
N PHE A 405 16.75 0.22 32.92
CA PHE A 405 15.67 -0.62 32.40
C PHE A 405 16.08 -2.08 32.28
N GLN A 406 17.15 -2.34 31.52
CA GLN A 406 17.50 -3.73 31.21
C GLN A 406 17.94 -4.50 32.45
N THR A 407 18.72 -3.87 33.34
CA THR A 407 19.19 -4.59 34.52
C THR A 407 18.05 -4.88 35.47
N ALA A 408 17.18 -3.90 35.72
CA ALA A 408 16.00 -4.15 36.53
C ALA A 408 15.09 -5.19 35.89
N PHE A 409 15.01 -5.22 34.56
CA PHE A 409 14.22 -6.23 33.88
C PHE A 409 14.70 -7.62 34.26
N ASP A 410 16.00 -7.87 34.13
CA ASP A 410 16.53 -9.18 34.46
C ASP A 410 16.45 -9.49 35.95
N ALA A 411 16.58 -8.46 36.81
CA ALA A 411 16.46 -8.69 38.25
C ALA A 411 15.03 -9.05 38.63
N VAL A 412 14.04 -8.38 38.02
CA VAL A 412 12.64 -8.76 38.21
C VAL A 412 12.39 -10.17 37.69
N ALA A 413 12.90 -10.47 36.49
CA ALA A 413 12.78 -11.82 35.95
C ALA A 413 13.28 -12.86 36.93
N ALA A 414 14.46 -12.60 37.51
CA ALA A 414 15.05 -13.55 38.44
C ALA A 414 14.21 -13.68 39.71
N LYS A 415 13.77 -12.55 40.26
CA LYS A 415 12.93 -12.59 41.45
C LYS A 415 11.65 -13.39 41.20
N LEU A 416 10.99 -13.14 40.08
CA LEU A 416 9.75 -13.86 39.77
C LEU A 416 10.02 -15.33 39.52
N GLN A 417 11.08 -15.64 38.76
CA GLN A 417 11.39 -17.04 38.50
C GLN A 417 11.75 -17.77 39.79
N SER A 418 12.45 -17.11 40.70
CA SER A 418 12.84 -17.76 41.96
C SER A 418 11.63 -18.08 42.84
N GLN A 419 10.53 -17.34 42.69
CA GLN A 419 9.28 -17.66 43.36
C GLN A 419 8.33 -18.43 42.47
N GLY A 420 8.71 -18.71 41.23
CA GLY A 420 7.78 -19.32 40.29
C GLY A 420 6.60 -18.45 39.95
N ALA A 421 6.76 -17.12 40.03
CA ALA A 421 5.65 -16.19 39.80
C ALA A 421 5.69 -15.53 38.42
N GLY A 422 6.64 -15.90 37.56
CA GLY A 422 6.71 -15.26 36.27
C GLY A 422 7.95 -15.68 35.51
N GLU A 423 7.99 -15.24 34.24
CA GLU A 423 9.08 -15.59 33.35
C GLU A 423 9.04 -14.69 32.10
N PRO A 424 10.19 -14.45 31.47
CA PRO A 424 10.20 -13.62 30.25
C PRO A 424 9.40 -14.27 29.13
N LYS A 425 8.95 -13.44 28.20
CA LYS A 425 7.96 -13.84 27.23
C LYS A 425 7.99 -12.89 26.04
N THR A 426 7.85 -13.44 24.84
CA THR A 426 7.82 -12.65 23.61
C THR A 426 6.44 -12.72 22.98
N GLN A 427 5.90 -11.57 22.58
CA GLN A 427 4.54 -11.49 22.04
C GLN A 427 4.51 -10.67 20.75
N TYR A 428 3.43 -10.87 20.00
CA TYR A 428 3.19 -10.20 18.71
C TYR A 428 1.76 -9.74 18.67
N ARG A 429 1.54 -8.47 18.29
CA ARG A 429 0.17 -8.02 18.07
C ARG A 429 -0.46 -8.67 16.86
N LEU A 430 0.36 -9.13 15.91
CA LEU A 430 -0.12 -9.75 14.69
C LEU A 430 -1.11 -10.89 14.98
N ARG A 431 -2.25 -10.84 14.30
CA ARG A 431 -3.26 -11.89 14.36
C ARG A 431 -3.15 -12.77 13.11
N ASP A 432 -3.56 -14.03 13.24
CA ASP A 432 -3.64 -14.88 12.06
C ASP A 432 -4.60 -14.29 11.04
N TRP A 433 -4.38 -14.63 9.78
CA TRP A 433 -5.06 -14.02 8.63
C TRP A 433 -6.32 -14.83 8.30
N GLY A 434 -7.47 -14.31 8.68
CA GLY A 434 -8.73 -14.97 8.33
C GLY A 434 -9.10 -14.69 6.89
N ILE A 435 -9.36 -15.75 6.12
CA ILE A 435 -9.61 -15.59 4.68
C ILE A 435 -11.02 -16.01 4.26
N SER A 436 -11.82 -16.59 5.13
CA SER A 436 -13.18 -16.94 4.72
C SER A 436 -13.99 -15.68 4.53
N ARG A 437 -14.67 -15.59 3.39
CA ARG A 437 -15.65 -14.54 3.14
C ARG A 437 -16.96 -15.22 2.77
N GLN A 438 -18.06 -14.69 3.29
CA GLN A 438 -19.40 -15.17 2.97
C GLN A 438 -19.96 -14.40 1.78
N ARG A 439 -19.21 -14.44 0.67
CA ARG A 439 -19.47 -13.69 -0.54
C ARG A 439 -19.45 -14.62 -1.75
N TYR A 440 -20.16 -14.22 -2.81
CA TYR A 440 -20.22 -15.03 -4.02
C TYR A 440 -19.04 -14.76 -4.96
N TRP A 441 -18.77 -13.49 -5.29
CA TRP A 441 -17.85 -13.15 -6.39
C TRP A 441 -16.40 -13.20 -5.88
N GLY A 442 -15.91 -14.43 -5.71
CA GLY A 442 -14.57 -14.64 -5.20
C GLY A 442 -14.15 -16.07 -5.41
N CYS A 443 -12.87 -16.34 -5.15
CA CYS A 443 -12.29 -17.64 -5.44
C CYS A 443 -12.86 -18.71 -4.50
N PRO A 444 -13.45 -19.78 -5.02
CA PRO A 444 -13.94 -20.83 -4.12
C PRO A 444 -12.82 -21.48 -3.33
N ILE A 445 -13.14 -21.83 -2.09
CA ILE A 445 -12.23 -22.50 -1.17
C ILE A 445 -12.23 -23.99 -1.50
N PRO A 446 -11.11 -24.58 -1.85
CA PRO A 446 -11.10 -25.97 -2.35
C PRO A 446 -11.08 -27.01 -1.22
N ILE A 447 -12.15 -27.00 -0.43
CA ILE A 447 -12.39 -27.95 0.64
C ILE A 447 -13.74 -28.62 0.40
N VAL A 448 -13.82 -29.92 0.67
CA VAL A 448 -15.08 -30.65 0.69
C VAL A 448 -15.31 -31.17 2.11
N HIS A 449 -16.55 -31.06 2.59
CA HIS A 449 -16.91 -31.52 3.92
C HIS A 449 -17.60 -32.88 3.82
N CYS A 450 -17.05 -33.88 4.49
CA CYS A 450 -17.59 -35.23 4.49
C CYS A 450 -17.81 -35.67 5.93
N GLU A 451 -18.97 -36.29 6.19
CA GLU A 451 -19.28 -36.65 7.57
C GLU A 451 -18.38 -37.75 8.10
N LYS A 452 -17.80 -38.58 7.23
CA LYS A 452 -16.83 -39.55 7.69
C LYS A 452 -15.40 -39.01 7.62
N CYS A 453 -15.05 -38.31 6.54
CA CYS A 453 -13.66 -37.96 6.30
C CYS A 453 -13.27 -36.59 6.85
N GLY A 454 -14.24 -35.70 7.09
CA GLY A 454 -13.96 -34.37 7.62
C GLY A 454 -13.88 -33.28 6.57
N ASN A 455 -13.08 -32.25 6.83
CA ASN A 455 -12.78 -31.23 5.85
C ASN A 455 -11.60 -31.73 5.03
N VAL A 456 -11.85 -32.09 3.78
CA VAL A 456 -10.80 -32.66 2.94
C VAL A 456 -10.47 -31.70 1.81
N PRO A 457 -9.20 -31.54 1.46
CA PRO A 457 -8.85 -30.69 0.32
C PRO A 457 -9.14 -31.36 -1.01
N VAL A 458 -9.52 -30.54 -1.97
CA VAL A 458 -9.75 -31.03 -3.33
C VAL A 458 -8.42 -31.48 -3.92
N PRO A 459 -8.38 -32.63 -4.59
CA PRO A 459 -7.14 -33.06 -5.26
C PRO A 459 -6.70 -32.06 -6.31
N ALA A 460 -5.39 -32.04 -6.58
CA ALA A 460 -4.86 -31.12 -7.59
C ALA A 460 -5.32 -31.50 -8.99
N ASP A 461 -5.47 -32.81 -9.26
CA ASP A 461 -6.09 -33.31 -10.49
C ASP A 461 -7.44 -32.65 -10.76
N GLN A 462 -8.13 -32.21 -9.71
CA GLN A 462 -9.51 -31.77 -9.82
C GLN A 462 -9.65 -30.26 -9.74
N LEU A 463 -8.52 -29.51 -9.62
CA LEU A 463 -8.56 -28.06 -9.56
C LEU A 463 -8.52 -27.50 -10.98
N PRO A 464 -9.20 -26.38 -11.24
CA PRO A 464 -9.94 -25.52 -10.30
C PRO A 464 -11.29 -26.06 -9.82
N VAL A 465 -11.66 -25.72 -8.59
CA VAL A 465 -13.07 -25.66 -8.21
C VAL A 465 -13.63 -24.40 -8.88
N VAL A 466 -14.39 -24.57 -9.95
CA VAL A 466 -14.78 -23.45 -10.80
C VAL A 466 -15.93 -22.70 -10.14
N LEU A 467 -15.81 -21.39 -10.02
CA LEU A 467 -16.94 -20.57 -9.63
C LEU A 467 -17.91 -20.48 -10.81
N PRO A 468 -19.16 -20.92 -10.68
CA PRO A 468 -20.10 -20.77 -11.80
C PRO A 468 -20.37 -19.29 -12.04
N GLU A 469 -20.26 -18.88 -13.30
CA GLU A 469 -20.43 -17.48 -13.62
C GLU A 469 -21.87 -17.09 -13.89
N ASN A 470 -22.74 -18.07 -14.16
CA ASN A 470 -24.16 -17.80 -14.43
C ASN A 470 -24.90 -17.68 -13.09
N VAL A 471 -24.63 -16.56 -12.40
CA VAL A 471 -25.21 -16.27 -11.09
C VAL A 471 -25.48 -14.78 -11.02
N VAL A 472 -26.65 -14.41 -10.50
CA VAL A 472 -26.97 -13.01 -10.23
C VAL A 472 -27.30 -12.84 -8.75
N PRO A 473 -26.41 -12.25 -7.94
CA PRO A 473 -26.72 -12.08 -6.51
C PRO A 473 -28.00 -11.29 -6.31
N ASP A 474 -28.64 -11.56 -5.17
CA ASP A 474 -30.00 -11.09 -4.91
C ASP A 474 -30.08 -10.14 -3.72
N GLY A 475 -29.70 -10.58 -2.53
CA GLY A 475 -29.84 -9.77 -1.34
C GLY A 475 -30.47 -10.55 -0.21
N MET A 476 -30.13 -11.84 -0.13
CA MET A 476 -30.60 -12.73 0.91
C MET A 476 -29.66 -13.91 1.04
N GLY A 477 -28.39 -13.63 1.35
CA GLY A 477 -27.36 -14.64 1.47
C GLY A 477 -26.52 -14.75 0.21
N SER A 478 -25.30 -15.22 0.38
CA SER A 478 -24.46 -15.52 -0.77
C SER A 478 -25.12 -16.62 -1.58
N PRO A 479 -25.20 -16.48 -2.91
CA PRO A 479 -25.92 -17.49 -3.72
C PRO A 479 -25.38 -18.91 -3.54
N LEU A 480 -24.07 -19.06 -3.39
CA LEU A 480 -23.45 -20.38 -3.41
C LEU A 480 -24.07 -21.31 -2.37
N ALA A 481 -24.33 -20.78 -1.17
CA ALA A 481 -24.99 -21.55 -0.13
C ALA A 481 -26.40 -22.00 -0.51
N LYS A 482 -26.97 -21.43 -1.57
CA LYS A 482 -28.31 -21.77 -2.00
C LYS A 482 -28.32 -22.50 -3.33
N MET A 483 -27.17 -23.04 -3.74
CA MET A 483 -27.00 -23.66 -5.05
C MET A 483 -26.51 -25.09 -4.86
N PRO A 484 -27.43 -26.03 -4.61
CA PRO A 484 -27.04 -27.44 -4.50
C PRO A 484 -26.31 -27.95 -5.73
N GLU A 485 -26.56 -27.37 -6.89
CA GLU A 485 -25.83 -27.80 -8.08
C GLU A 485 -24.35 -27.52 -7.97
N PHE A 486 -23.96 -26.57 -7.11
CA PHE A 486 -22.55 -26.33 -6.86
C PHE A 486 -22.03 -27.15 -5.68
N TYR A 487 -22.71 -27.11 -4.54
CA TYR A 487 -22.08 -27.67 -3.34
C TYR A 487 -22.29 -29.16 -3.17
N GLU A 488 -23.34 -29.74 -3.75
CA GLU A 488 -23.50 -31.20 -3.70
C GLU A 488 -22.41 -31.84 -4.56
N THR A 489 -21.64 -32.74 -3.97
CA THR A 489 -20.60 -33.46 -4.71
C THR A 489 -20.31 -34.76 -3.97
N SER A 490 -19.26 -35.45 -4.38
CA SER A 490 -18.81 -36.66 -3.71
C SER A 490 -17.50 -36.39 -2.97
N CYS A 491 -17.26 -37.17 -1.93
CA CYS A 491 -16.02 -36.97 -1.17
C CYS A 491 -14.85 -37.48 -1.99
N PRO A 492 -13.78 -36.70 -2.15
CA PRO A 492 -12.63 -37.19 -2.94
C PRO A 492 -11.83 -38.27 -2.24
N CYS A 493 -12.09 -38.53 -0.96
CA CYS A 493 -11.38 -39.55 -0.20
C CYS A 493 -12.15 -40.86 -0.08
N CYS A 494 -13.47 -40.82 0.09
CA CYS A 494 -14.24 -42.04 0.15
C CYS A 494 -15.31 -42.15 -0.93
N GLY A 495 -15.58 -41.09 -1.69
CA GLY A 495 -16.59 -41.16 -2.73
C GLY A 495 -18.02 -41.00 -2.27
N GLY A 496 -18.23 -40.79 -0.97
CA GLY A 496 -19.58 -40.68 -0.44
C GLY A 496 -20.16 -39.28 -0.57
N ALA A 497 -21.37 -39.15 -0.03
CA ALA A 497 -22.11 -37.89 -0.10
C ALA A 497 -21.36 -36.79 0.66
N ALA A 498 -21.09 -35.68 -0.01
CA ALA A 498 -20.32 -34.62 0.63
C ALA A 498 -20.73 -33.26 0.08
N LYS A 499 -20.28 -32.20 0.75
CA LYS A 499 -20.63 -30.83 0.39
C LYS A 499 -19.39 -29.98 0.24
N ARG A 500 -19.39 -29.15 -0.80
CA ARG A 500 -18.31 -28.19 -1.02
C ARG A 500 -18.45 -27.02 -0.05
N GLU A 501 -17.31 -26.55 0.45
CA GLU A 501 -17.26 -25.25 1.10
C GLU A 501 -17.85 -24.21 0.17
N THR A 502 -18.73 -23.36 0.70
CA THR A 502 -19.37 -22.32 -0.09
C THR A 502 -18.86 -20.92 0.23
N ASP A 503 -18.10 -20.73 1.31
CA ASP A 503 -17.40 -19.47 1.52
C ASP A 503 -16.32 -19.31 0.44
N THR A 504 -16.03 -18.06 0.09
CA THR A 504 -14.94 -17.75 -0.84
C THR A 504 -13.79 -17.05 -0.11
N MET A 505 -12.69 -16.89 -0.83
CA MET A 505 -11.46 -16.38 -0.24
C MET A 505 -11.45 -14.86 -0.23
N ASP A 506 -10.91 -14.30 0.86
CA ASP A 506 -10.45 -12.92 0.90
C ASP A 506 -9.77 -12.57 -0.42
N THR A 507 -10.21 -11.49 -1.06
CA THR A 507 -9.69 -11.14 -2.38
C THR A 507 -8.30 -10.54 -2.32
N PHE A 508 -7.80 -10.18 -1.14
CA PHE A 508 -6.38 -9.87 -1.03
C PHE A 508 -5.52 -11.03 -1.52
N ILE A 509 -6.07 -12.25 -1.56
CA ILE A 509 -5.25 -13.40 -1.91
C ILE A 509 -4.78 -13.30 -3.36
N GLU A 510 -5.67 -12.93 -4.28
CA GLU A 510 -5.24 -12.77 -5.68
C GLU A 510 -4.09 -11.79 -5.80
N SER A 511 -4.18 -10.65 -5.11
CA SER A 511 -3.16 -9.62 -5.17
C SER A 511 -1.92 -9.98 -4.38
N SER A 512 -1.90 -11.11 -3.67
CA SER A 512 -0.71 -11.46 -2.91
C SER A 512 0.33 -12.20 -3.73
N TRP A 513 -0.01 -12.65 -4.94
CA TRP A 513 0.97 -13.33 -5.78
C TRP A 513 0.90 -12.98 -7.26
N TYR A 514 0.05 -12.04 -7.67
CA TYR A 514 -0.09 -11.74 -9.10
C TYR A 514 1.23 -11.31 -9.75
N PHE A 515 2.13 -10.67 -8.99
CA PHE A 515 3.41 -10.23 -9.56
C PHE A 515 4.27 -11.41 -10.01
N PHE A 516 4.09 -12.59 -9.40
CA PHE A 516 4.78 -13.78 -9.88
C PHE A 516 4.07 -14.39 -11.09
N ARG A 517 2.73 -14.34 -11.12
CA ARG A 517 2.01 -14.89 -12.27
C ARG A 517 2.38 -14.18 -13.57
N TYR A 518 2.61 -12.85 -13.52
CA TYR A 518 3.00 -12.13 -14.74
C TYR A 518 4.25 -12.71 -15.38
N MET A 519 5.09 -13.40 -14.61
CA MET A 519 6.32 -13.96 -15.16
C MET A 519 6.05 -15.12 -16.12
N SER A 520 4.91 -15.81 -15.97
CA SER A 520 4.52 -16.87 -16.90
C SER A 520 3.01 -17.07 -16.80
N PRO A 521 2.23 -16.12 -17.30
CA PRO A 521 0.78 -16.16 -17.06
C PRO A 521 0.04 -17.24 -17.82
N LYS A 522 0.72 -17.98 -18.71
CA LYS A 522 0.10 -19.09 -19.41
C LYS A 522 0.65 -20.44 -18.96
N PHE A 523 1.49 -20.45 -17.93
CA PHE A 523 2.06 -21.69 -17.40
C PHE A 523 0.96 -22.53 -16.77
N SER A 524 0.79 -23.76 -17.25
CA SER A 524 -0.33 -24.60 -16.85
C SER A 524 0.05 -25.67 -15.83
N ASP A 525 1.31 -25.74 -15.41
CA ASP A 525 1.76 -26.78 -14.50
C ASP A 525 2.21 -26.25 -13.15
N GLY A 526 1.90 -25.00 -12.83
CA GLY A 526 2.31 -24.44 -11.54
C GLY A 526 1.93 -22.99 -11.46
N MET A 527 2.15 -22.42 -10.25
CA MET A 527 1.87 -21.00 -10.04
C MET A 527 2.70 -20.13 -10.97
N VAL A 528 3.97 -20.50 -11.18
CA VAL A 528 4.92 -19.75 -11.98
C VAL A 528 6.02 -20.70 -12.40
N SER A 529 6.43 -20.61 -13.67
CA SER A 529 7.47 -21.49 -14.18
C SER A 529 8.83 -21.20 -13.55
N ALA A 530 9.60 -22.27 -13.30
CA ALA A 530 10.90 -22.11 -12.68
C ALA A 530 11.82 -21.22 -13.52
N GLU A 531 11.79 -21.40 -14.84
CA GLU A 531 12.68 -20.63 -15.71
C GLU A 531 12.33 -19.14 -15.68
N SER A 532 11.03 -18.82 -15.64
CA SER A 532 10.67 -17.41 -15.61
C SER A 532 10.95 -16.80 -14.24
N ALA A 533 10.70 -17.55 -13.17
CA ALA A 533 10.96 -17.00 -11.83
C ALA A 533 12.45 -16.74 -11.63
N LYS A 534 13.29 -17.65 -12.14
CA LYS A 534 14.73 -17.44 -12.04
C LYS A 534 15.19 -16.22 -12.83
N TYR A 535 14.58 -15.97 -14.00
CA TYR A 535 15.03 -14.85 -14.82
C TYR A 535 14.58 -13.52 -14.23
N TRP A 536 13.27 -13.37 -14.02
CA TRP A 536 12.77 -12.07 -13.59
C TRP A 536 13.09 -11.75 -12.11
N GLY A 537 13.30 -12.76 -11.27
CA GLY A 537 13.73 -12.51 -9.91
C GLY A 537 12.68 -11.85 -9.03
N ALA A 538 12.87 -10.58 -8.68
CA ALA A 538 11.88 -9.82 -7.94
C ALA A 538 11.48 -8.58 -8.74
N VAL A 539 10.37 -7.96 -8.32
CA VAL A 539 9.97 -6.67 -8.89
C VAL A 539 11.02 -5.62 -8.51
N ASP A 540 11.53 -4.92 -9.52
CA ASP A 540 12.55 -3.91 -9.25
C ASP A 540 11.94 -2.62 -8.72
N GLN A 541 10.76 -2.28 -9.21
CA GLN A 541 10.09 -1.03 -8.83
C GLN A 541 8.59 -1.30 -8.75
N TYR A 542 7.99 -0.91 -7.63
CA TYR A 542 6.57 -1.07 -7.38
C TYR A 542 6.02 0.32 -7.10
N ILE A 543 4.87 0.65 -7.70
CA ILE A 543 4.25 1.96 -7.56
C ILE A 543 2.78 1.77 -7.20
N GLY A 544 2.36 2.35 -6.08
CA GLY A 544 0.97 2.21 -5.65
C GLY A 544 0.68 3.07 -4.43
N GLY A 545 -0.61 3.14 -4.10
CA GLY A 545 -1.08 4.06 -3.08
C GLY A 545 -0.78 3.61 -1.65
N ILE A 546 -0.64 4.59 -0.76
CA ILE A 546 -0.30 4.34 0.64
C ILE A 546 -1.37 3.53 1.35
N GLU A 547 -2.59 3.45 0.79
CA GLU A 547 -3.62 2.66 1.44
C GLU A 547 -3.29 1.17 1.46
N HIS A 548 -2.32 0.73 0.68
CA HIS A 548 -1.97 -0.69 0.65
C HIS A 548 -0.63 -0.96 1.33
N ALA A 549 -0.15 -0.02 2.15
CA ALA A 549 1.20 -0.14 2.70
C ALA A 549 1.28 -1.09 3.87
N ILE A 550 0.15 -1.53 4.42
CA ILE A 550 0.18 -2.44 5.57
C ILE A 550 -0.30 -3.81 5.12
N LEU A 551 -1.60 -3.95 4.87
CA LEU A 551 -2.18 -5.27 4.61
C LEU A 551 -1.63 -5.89 3.35
N HIS A 552 -1.85 -5.24 2.20
CA HIS A 552 -1.45 -5.86 0.94
C HIS A 552 0.05 -6.17 0.90
N LEU A 553 0.89 -5.19 1.24
CA LEU A 553 2.33 -5.44 1.22
C LEU A 553 2.71 -6.59 2.17
N LEU A 554 2.13 -6.63 3.38
CA LEU A 554 2.41 -7.71 4.32
C LEU A 554 2.04 -9.07 3.73
N TYR A 555 0.84 -9.17 3.17
CA TYR A 555 0.34 -10.40 2.55
C TYR A 555 1.21 -10.83 1.38
N ALA A 556 1.61 -9.88 0.54
CA ALA A 556 2.49 -10.16 -0.58
C ALA A 556 3.85 -10.68 -0.12
N ARG A 557 4.41 -10.07 0.92
CA ARG A 557 5.66 -10.54 1.49
C ARG A 557 5.50 -11.92 2.11
N PHE A 558 4.37 -12.14 2.78
CA PHE A 558 4.04 -13.45 3.34
C PHE A 558 3.95 -14.50 2.24
N PHE A 559 3.16 -14.24 1.20
CA PHE A 559 3.03 -15.21 0.12
C PHE A 559 4.37 -15.49 -0.55
N THR A 560 5.24 -14.48 -0.63
CA THR A 560 6.52 -14.70 -1.29
C THR A 560 7.36 -15.70 -0.52
N LYS A 561 7.35 -15.61 0.82
CA LYS A 561 8.13 -16.55 1.62
C LYS A 561 7.50 -17.94 1.60
N LEU A 562 6.17 -18.01 1.62
CA LEU A 562 5.50 -19.30 1.45
C LEU A 562 5.86 -19.94 0.12
N MET A 563 5.81 -19.18 -0.97
CA MET A 563 6.13 -19.76 -2.27
C MET A 563 7.60 -20.16 -2.34
N ARG A 564 8.47 -19.36 -1.74
CA ARG A 564 9.88 -19.71 -1.64
C ARG A 564 10.05 -21.02 -0.88
N ASP A 565 9.38 -21.13 0.27
CA ASP A 565 9.47 -22.33 1.07
C ASP A 565 8.92 -23.55 0.35
N GLU A 566 8.00 -23.36 -0.61
CA GLU A 566 7.57 -24.48 -1.42
C GLU A 566 8.50 -24.75 -2.60
N GLY A 567 9.52 -23.92 -2.80
CA GLY A 567 10.45 -24.12 -3.90
C GLY A 567 10.00 -23.57 -5.23
N LEU A 568 9.04 -22.65 -5.26
CA LEU A 568 8.55 -22.08 -6.50
C LEU A 568 9.32 -20.83 -6.93
N VAL A 569 9.90 -20.08 -5.97
CA VAL A 569 10.68 -18.89 -6.25
C VAL A 569 11.92 -18.94 -5.36
N ASN A 570 12.87 -18.07 -5.66
CA ASN A 570 14.14 -18.06 -4.92
C ASN A 570 14.47 -16.68 -4.35
N VAL A 571 13.48 -15.83 -4.18
CA VAL A 571 13.71 -14.54 -3.54
C VAL A 571 13.02 -14.56 -2.18
N ASP A 572 13.53 -13.75 -1.27
CA ASP A 572 12.90 -13.55 0.02
C ASP A 572 11.84 -12.45 0.00
N GLU A 573 12.00 -11.44 -0.85
CA GLU A 573 11.18 -10.26 -0.80
C GLU A 573 10.67 -9.93 -2.19
N PRO A 574 9.37 -9.63 -2.35
CA PRO A 574 8.85 -9.40 -3.69
C PRO A 574 9.23 -8.06 -4.31
N PHE A 575 9.44 -7.01 -3.52
CA PHE A 575 9.55 -5.67 -4.08
C PHE A 575 10.81 -4.99 -3.58
N GLU A 576 11.67 -4.59 -4.51
CA GLU A 576 12.95 -3.96 -4.14
C GLU A 576 12.75 -2.49 -3.79
N ARG A 577 12.25 -1.70 -4.74
CA ARG A 577 11.97 -0.29 -4.54
C ARG A 577 10.46 -0.04 -4.54
N LEU A 578 10.03 0.89 -3.70
CA LEU A 578 8.62 1.20 -3.57
C LEU A 578 8.41 2.71 -3.64
N LEU A 579 7.53 3.15 -4.55
CA LEU A 579 7.15 4.55 -4.72
C LEU A 579 5.67 4.69 -4.37
N THR A 580 5.35 5.64 -3.50
CA THR A 580 3.97 5.90 -3.06
C THR A 580 3.47 7.19 -3.70
N GLN A 581 2.64 7.09 -4.74
CA GLN A 581 2.16 8.29 -5.44
C GLN A 581 1.04 8.97 -4.65
N GLY A 582 0.93 10.29 -4.84
CA GLY A 582 -0.03 11.06 -4.08
C GLY A 582 -1.44 11.00 -4.63
N MET A 583 -2.39 11.37 -3.78
CA MET A 583 -3.78 11.44 -4.20
C MET A 583 -3.97 12.57 -5.21
N VAL A 584 -5.15 12.62 -5.79
CA VAL A 584 -5.52 13.69 -6.71
C VAL A 584 -6.78 14.36 -6.18
N VAL A 585 -6.72 15.68 -6.04
CA VAL A 585 -7.79 16.44 -5.40
C VAL A 585 -8.42 17.39 -6.41
N CYS A 586 -9.59 17.90 -6.06
CA CYS A 586 -10.35 18.76 -6.95
C CYS A 586 -11.40 19.49 -6.14
N GLU A 587 -11.77 20.69 -6.60
CA GLU A 587 -12.81 21.45 -5.95
C GLU A 587 -14.12 20.66 -5.91
N THR A 588 -15.00 21.06 -5.00
CA THR A 588 -16.34 20.51 -4.94
C THR A 588 -17.35 21.63 -5.17
N TYR A 589 -18.54 21.24 -5.58
CA TYR A 589 -19.62 22.17 -5.89
C TYR A 589 -20.92 21.64 -5.31
N TYR A 590 -21.78 22.55 -4.85
CA TYR A 590 -23.04 22.12 -4.26
C TYR A 590 -24.11 23.19 -4.40
N ARG A 591 -25.34 22.78 -4.16
CA ARG A 591 -26.52 23.63 -4.20
C ARG A 591 -27.46 23.14 -3.11
N GLU A 592 -27.90 24.04 -2.23
CA GLU A 592 -28.74 23.64 -1.10
C GLU A 592 -30.11 23.14 -1.58
N ASN A 593 -30.65 22.18 -0.84
CA ASN A 593 -31.94 21.58 -1.17
C ASN A 593 -32.98 21.95 -0.13
N ASP A 594 -34.24 21.56 -0.42
CA ASP A 594 -35.37 22.00 0.38
C ASP A 594 -35.33 21.45 1.81
N LYS A 595 -34.60 20.37 2.04
CA LYS A 595 -34.57 19.74 3.36
C LYS A 595 -33.34 20.14 4.18
N GLY A 596 -32.73 21.27 3.86
CA GLY A 596 -31.59 21.75 4.61
C GLY A 596 -30.35 20.87 4.48
N GLY A 597 -30.02 20.48 3.26
CA GLY A 597 -28.80 19.73 2.97
C GLY A 597 -28.09 20.24 1.73
N LYS A 598 -27.20 19.43 1.16
CA LYS A 598 -26.42 19.84 0.01
C LYS A 598 -26.44 18.73 -1.04
N ASP A 599 -26.69 19.11 -2.29
CA ASP A 599 -26.60 18.22 -3.43
C ASP A 599 -25.34 18.57 -4.23
N TRP A 600 -24.44 17.59 -4.37
CA TRP A 600 -23.10 17.83 -4.87
C TRP A 600 -23.05 17.70 -6.40
N ILE A 601 -22.45 18.70 -7.04
CA ILE A 601 -22.47 18.85 -8.50
C ILE A 601 -21.12 18.40 -9.05
N ASN A 602 -21.14 17.55 -10.08
CA ASN A 602 -19.87 17.12 -10.64
C ASN A 602 -19.26 18.25 -11.49
N PRO A 603 -17.95 18.47 -11.38
CA PRO A 603 -17.32 19.57 -12.14
C PRO A 603 -17.58 19.53 -13.63
N ALA A 604 -17.84 18.36 -14.21
CA ALA A 604 -18.14 18.29 -15.64
C ALA A 604 -19.46 18.97 -15.99
N ASP A 605 -20.36 19.12 -15.02
CA ASP A 605 -21.67 19.72 -15.25
C ASP A 605 -21.78 21.11 -14.64
N VAL A 606 -20.70 21.90 -14.70
CA VAL A 606 -20.75 23.28 -14.28
C VAL A 606 -20.09 24.15 -15.35
N GLU A 607 -20.49 25.42 -15.38
CA GLU A 607 -19.91 26.43 -16.25
C GLU A 607 -19.28 27.50 -15.37
N LEU A 608 -17.97 27.69 -15.51
CA LEU A 608 -17.20 28.49 -14.58
C LEU A 608 -16.97 29.89 -15.14
N THR A 609 -16.03 30.63 -14.55
CA THR A 609 -15.76 32.01 -14.93
C THR A 609 -14.29 32.36 -14.71
N GLY A 625 -28.41 26.85 -16.27
CA GLY A 625 -29.24 27.77 -15.53
C GLY A 625 -28.47 28.61 -14.52
N LEU A 626 -29.03 28.74 -13.31
CA LEU A 626 -28.38 29.50 -12.25
C LEU A 626 -27.21 28.71 -11.67
N PRO A 627 -26.11 29.37 -11.31
CA PRO A 627 -24.91 28.64 -10.90
C PRO A 627 -25.05 27.99 -9.53
N VAL A 628 -24.16 27.03 -9.27
CA VAL A 628 -24.07 26.36 -7.99
C VAL A 628 -23.00 27.04 -7.15
N VAL A 629 -22.61 26.43 -6.03
CA VAL A 629 -21.68 27.03 -5.08
C VAL A 629 -20.34 26.32 -5.21
N ILE A 630 -19.27 27.10 -5.31
CA ILE A 630 -17.91 26.55 -5.29
C ILE A 630 -17.54 26.25 -3.84
N SER A 631 -16.97 25.07 -3.61
CA SER A 631 -16.72 24.59 -2.26
C SER A 631 -15.31 24.01 -2.19
N GLY A 632 -15.04 23.24 -1.14
CA GLY A 632 -13.67 22.91 -0.77
C GLY A 632 -13.08 21.78 -1.60
N THR A 633 -11.75 21.78 -1.66
CA THR A 633 -11.02 20.82 -2.45
C THR A 633 -10.71 19.58 -1.62
N GLU A 634 -10.96 18.41 -2.21
CA GLU A 634 -10.62 17.16 -1.56
C GLU A 634 -10.37 16.10 -2.62
N LYS A 635 -9.94 14.93 -2.15
CA LYS A 635 -9.67 13.78 -3.02
C LYS A 635 -10.85 13.52 -3.94
N MET A 636 -10.55 13.29 -5.21
CA MET A 636 -11.60 12.94 -6.17
C MET A 636 -12.27 11.66 -5.73
N SER A 637 -13.58 11.70 -5.54
CA SER A 637 -14.31 10.51 -5.15
C SER A 637 -15.79 10.72 -5.41
N LYS A 638 -16.54 9.62 -5.33
CA LYS A 638 -17.99 9.69 -5.38
C LYS A 638 -18.60 10.22 -4.10
N SER A 639 -17.77 10.61 -3.12
CA SER A 639 -18.32 11.13 -1.87
C SER A 639 -19.00 12.48 -2.09
N LYS A 640 -18.23 13.48 -2.55
CA LYS A 640 -18.78 14.78 -2.92
C LYS A 640 -18.88 14.95 -4.44
N ASN A 641 -18.89 13.85 -5.19
CA ASN A 641 -19.24 13.86 -6.61
C ASN A 641 -18.30 14.76 -7.41
N ASN A 642 -17.01 14.73 -7.08
CA ASN A 642 -16.06 15.69 -7.62
C ASN A 642 -15.01 15.04 -8.53
N GLY A 643 -15.30 13.83 -9.04
CA GLY A 643 -14.35 13.15 -9.89
C GLY A 643 -14.37 13.71 -11.30
N VAL A 644 -13.18 13.97 -11.84
CA VAL A 644 -13.01 14.45 -13.20
C VAL A 644 -12.65 13.25 -14.07
N ASP A 645 -13.43 13.03 -15.12
CA ASP A 645 -13.24 11.85 -15.96
C ASP A 645 -11.97 11.99 -16.79
N PRO A 646 -10.99 11.12 -16.63
CA PRO A 646 -9.78 11.22 -17.48
C PRO A 646 -10.09 11.10 -18.96
N GLN A 647 -11.12 10.33 -19.34
CA GLN A 647 -11.42 10.14 -20.76
C GLN A 647 -11.77 11.46 -21.44
N GLU A 648 -12.47 12.36 -20.73
CA GLU A 648 -12.76 13.66 -21.33
C GLU A 648 -11.51 14.49 -21.52
N LEU A 649 -10.54 14.35 -20.62
CA LEU A 649 -9.24 15.03 -20.77
C LEU A 649 -8.50 14.50 -21.99
N ILE A 650 -8.62 13.20 -22.27
CA ILE A 650 -7.97 12.62 -23.44
C ILE A 650 -8.65 13.09 -24.72
N ASN A 651 -10.00 13.10 -24.73
CA ASN A 651 -10.73 13.52 -25.93
C ASN A 651 -10.47 14.99 -26.27
N ALA A 652 -10.29 15.83 -25.25
CA ALA A 652 -10.14 17.25 -25.50
C ALA A 652 -8.72 17.61 -25.93
N TYR A 653 -7.71 16.95 -25.34
CA TYR A 653 -6.31 17.38 -25.50
C TYR A 653 -5.35 16.30 -25.96
N GLY A 654 -5.71 15.01 -25.89
CA GLY A 654 -4.79 13.94 -26.21
C GLY A 654 -4.10 13.35 -24.98
N ALA A 655 -3.59 12.14 -25.16
CA ALA A 655 -2.94 11.43 -24.06
C ALA A 655 -1.68 12.16 -23.60
N ASP A 656 -0.95 12.79 -24.52
CA ASP A 656 0.33 13.38 -24.16
C ASP A 656 0.12 14.54 -23.18
N THR A 657 -0.89 15.38 -23.41
CA THR A 657 -1.19 16.44 -22.46
C THR A 657 -1.57 15.88 -21.09
N ALA A 658 -2.42 14.85 -21.07
CA ALA A 658 -2.80 14.25 -19.80
C ALA A 658 -1.56 13.77 -19.05
N ARG A 659 -0.70 13.04 -19.73
CA ARG A 659 0.52 12.53 -19.11
C ARG A 659 1.40 13.67 -18.59
N LEU A 660 1.59 14.70 -19.41
CA LEU A 660 2.47 15.79 -19.00
C LEU A 660 1.90 16.53 -17.80
N PHE A 661 0.63 16.92 -17.86
CA PHE A 661 0.02 17.60 -16.74
C PHE A 661 0.26 16.86 -15.43
N MET A 662 0.07 15.54 -15.45
CA MET A 662 0.14 14.80 -14.19
C MET A 662 1.57 14.75 -13.66
N MET A 663 2.56 14.65 -14.57
CA MET A 663 3.96 14.59 -14.15
C MET A 663 4.54 15.95 -13.85
N PHE A 664 3.96 17.02 -14.40
CA PHE A 664 4.48 18.36 -14.15
C PHE A 664 3.83 19.03 -12.95
N ALA A 665 2.53 18.78 -12.73
CA ALA A 665 1.78 19.51 -11.71
C ALA A 665 2.44 19.41 -10.33
N ALA A 666 3.03 18.27 -10.00
CA ALA A 666 3.54 18.06 -8.64
C ALA A 666 4.49 16.87 -8.63
N PRO A 667 5.42 16.81 -7.69
CA PRO A 667 6.21 15.59 -7.51
C PRO A 667 5.29 14.41 -7.22
N PRO A 668 5.77 13.18 -7.45
CA PRO A 668 4.88 12.02 -7.36
C PRO A 668 4.22 11.83 -6.01
N GLU A 669 4.96 12.06 -4.91
CA GLU A 669 4.44 11.82 -3.57
C GLU A 669 3.44 12.88 -3.14
N GLN A 670 3.49 14.08 -3.72
CA GLN A 670 2.60 15.17 -3.34
C GLN A 670 1.24 14.99 -4.01
N SER A 671 0.21 15.45 -3.32
CA SER A 671 -1.11 15.39 -3.93
C SER A 671 -1.19 16.40 -5.07
N LEU A 672 -1.91 16.02 -6.12
CA LEU A 672 -1.98 16.79 -7.35
C LEU A 672 -3.32 17.50 -7.43
N GLU A 673 -3.30 18.83 -7.46
CA GLU A 673 -4.50 19.62 -7.62
C GLU A 673 -4.92 19.62 -9.09
N TRP A 674 -6.18 19.26 -9.35
CA TRP A 674 -6.71 19.42 -10.69
C TRP A 674 -6.74 20.89 -11.05
N SER A 675 -6.31 21.21 -12.27
CA SER A 675 -6.17 22.62 -12.66
C SER A 675 -6.44 22.75 -14.14
N ASP A 676 -7.55 23.42 -14.49
CA ASP A 676 -7.85 23.66 -15.90
C ASP A 676 -6.73 24.45 -16.57
N SER A 677 -6.26 25.50 -15.90
CA SER A 677 -5.16 26.28 -16.46
C SER A 677 -3.90 25.45 -16.56
N GLY A 678 -3.67 24.57 -15.58
CA GLY A 678 -2.52 23.69 -15.65
C GLY A 678 -2.56 22.78 -16.87
N VAL A 679 -3.74 22.25 -17.18
CA VAL A 679 -3.87 21.42 -18.37
C VAL A 679 -3.58 22.23 -19.62
N GLU A 680 -4.17 23.42 -19.74
CA GLU A 680 -3.90 24.28 -20.90
C GLU A 680 -2.42 24.59 -21.04
N GLY A 681 -1.74 24.85 -19.91
CA GLY A 681 -0.32 25.10 -19.97
C GLY A 681 0.45 23.89 -20.48
N ALA A 682 0.08 22.69 -20.01
CA ALA A 682 0.71 21.48 -20.51
C ALA A 682 0.55 21.36 -22.02
N HIS A 683 -0.64 21.70 -22.54
CA HIS A 683 -0.88 21.64 -23.97
C HIS A 683 -0.09 22.71 -24.72
N ARG A 684 -0.03 23.92 -24.17
CA ARG A 684 0.75 24.98 -24.81
C ARG A 684 2.23 24.58 -24.92
N PHE A 685 2.77 23.89 -23.90
CA PHE A 685 4.17 23.50 -23.98
C PHE A 685 4.38 22.42 -25.04
N LEU A 686 3.42 21.51 -25.20
CA LEU A 686 3.53 20.55 -26.28
C LEU A 686 3.42 21.24 -27.62
N ARG A 687 2.58 22.27 -27.73
CA ARG A 687 2.56 23.09 -28.94
C ARG A 687 3.91 23.73 -29.19
N ARG A 688 4.51 24.31 -28.15
CA ARG A 688 5.82 24.95 -28.28
C ARG A 688 6.86 23.94 -28.76
N LEU A 689 6.87 22.74 -28.18
CA LEU A 689 7.84 21.73 -28.59
C LEU A 689 7.70 21.42 -30.06
N TRP A 690 6.46 21.21 -30.53
CA TRP A 690 6.18 20.97 -31.94
C TRP A 690 6.68 22.11 -32.81
N ARG A 691 6.35 23.36 -32.45
CA ARG A 691 6.74 24.50 -33.28
C ARG A 691 8.25 24.65 -33.35
N THR A 692 8.95 24.33 -32.26
CA THR A 692 10.40 24.52 -32.22
C THR A 692 11.10 23.59 -33.19
N VAL A 693 10.61 22.35 -33.29
CA VAL A 693 11.18 21.40 -34.24
C VAL A 693 10.80 21.79 -35.66
N TYR A 694 9.52 22.12 -35.88
CA TYR A 694 9.06 22.53 -37.21
C TYR A 694 9.86 23.71 -37.73
N GLU A 695 9.97 24.77 -36.92
CA GLU A 695 10.71 25.95 -37.36
C GLU A 695 12.18 25.64 -37.60
N TYR A 696 12.76 24.75 -36.80
CA TYR A 696 14.14 24.36 -37.00
C TYR A 696 14.32 23.66 -38.35
N LEU A 697 13.34 22.85 -38.74
CA LEU A 697 13.40 22.14 -40.01
C LEU A 697 13.00 23.02 -41.20
N LYS A 698 12.12 23.99 -41.00
CA LYS A 698 11.69 24.87 -42.08
C LYS A 698 12.81 25.80 -42.55
N GLN A 699 13.85 25.99 -41.74
CA GLN A 699 14.92 26.90 -42.13
C GLN A 699 15.90 26.24 -43.09
N GLY A 700 16.20 24.96 -42.86
CA GLY A 700 17.12 24.25 -43.74
C GLY A 700 17.33 22.78 -43.44
N GLY A 701 16.28 22.08 -43.02
CA GLY A 701 16.33 20.64 -42.85
C GLY A 701 17.31 20.09 -41.82
N ALA A 702 17.30 18.77 -41.65
CA ALA A 702 18.08 18.14 -40.60
C ALA A 702 19.55 18.02 -41.01
N VAL A 703 20.42 18.02 -40.00
CA VAL A 703 21.87 17.90 -40.17
C VAL A 703 22.40 16.90 -39.15
N LYS A 704 23.66 16.49 -39.33
CA LYS A 704 24.28 15.63 -38.33
C LYS A 704 24.49 16.42 -37.04
N ALA A 705 24.04 15.85 -35.92
CA ALA A 705 24.13 16.54 -34.65
C ALA A 705 25.59 16.77 -34.27
N PHE A 706 25.83 17.89 -33.57
CA PHE A 706 27.19 18.19 -33.16
C PHE A 706 27.71 17.08 -32.25
N ALA A 707 28.98 16.73 -32.46
CA ALA A 707 29.64 15.77 -31.59
C ALA A 707 31.12 16.01 -31.67
N GLY A 708 31.82 15.64 -30.60
CA GLY A 708 33.26 15.67 -30.59
C GLY A 708 33.82 16.94 -29.98
N ASN A 709 35.08 17.20 -30.33
CA ASN A 709 35.85 18.31 -29.80
C ASN A 709 35.13 19.63 -30.04
N GLN A 710 34.89 20.38 -28.97
CA GLN A 710 34.17 21.64 -29.08
C GLN A 710 35.09 22.87 -29.00
N ASP A 711 36.40 22.68 -29.07
CA ASP A 711 37.29 23.83 -29.24
C ASP A 711 36.99 24.51 -30.56
N GLY A 712 36.90 25.84 -30.54
CA GLY A 712 36.55 26.59 -31.73
C GLY A 712 35.07 26.89 -31.86
N LEU A 713 34.23 26.32 -31.00
CA LEU A 713 32.85 26.77 -30.90
C LEU A 713 32.81 28.14 -30.25
N SER A 714 31.87 28.98 -30.69
CA SER A 714 31.71 30.29 -30.05
C SER A 714 31.23 30.10 -28.61
N LYS A 715 31.45 31.15 -27.80
CA LYS A 715 31.02 31.09 -26.40
C LYS A 715 29.53 30.79 -26.29
N GLU A 716 28.71 31.42 -27.14
CA GLU A 716 27.27 31.20 -27.06
C GLU A 716 26.91 29.74 -27.31
N LEU A 717 27.64 29.08 -28.22
CA LEU A 717 27.29 27.69 -28.52
C LEU A 717 27.93 26.73 -27.52
N LYS A 718 29.12 27.06 -27.01
CA LYS A 718 29.65 26.34 -25.86
C LYS A 718 28.70 26.41 -24.67
N ASP A 719 28.07 27.57 -24.45
CA ASP A 719 27.16 27.73 -23.32
C ASP A 719 25.87 26.97 -23.53
N LEU A 720 25.42 26.84 -24.77
CA LEU A 720 24.26 26.00 -25.03
C LEU A 720 24.60 24.54 -24.80
N ARG A 721 25.79 24.11 -25.23
CA ARG A 721 26.19 22.71 -25.01
C ARG A 721 26.37 22.43 -23.52
N HIS A 722 26.87 23.41 -22.76
CA HIS A 722 26.94 23.26 -21.31
C HIS A 722 25.55 23.06 -20.73
N LYS A 723 24.60 23.95 -21.07
CA LYS A 723 23.23 23.77 -20.59
C LYS A 723 22.65 22.43 -21.05
N LEU A 724 22.98 22.00 -22.26
CA LEU A 724 22.42 20.76 -22.78
C LEU A 724 22.87 19.56 -21.96
N HIS A 725 24.18 19.34 -21.87
CA HIS A 725 24.62 18.16 -21.16
C HIS A 725 24.42 18.28 -19.65
N SER A 726 24.31 19.51 -19.13
CA SER A 726 23.83 19.70 -17.76
C SER A 726 22.40 19.19 -17.61
N THR A 727 21.53 19.54 -18.56
CA THR A 727 20.14 19.08 -18.50
C THR A 727 20.06 17.55 -18.55
N THR A 728 20.87 16.93 -19.42
CA THR A 728 20.86 15.48 -19.52
C THR A 728 21.26 14.83 -18.20
N ALA A 729 22.28 15.37 -17.54
CA ALA A 729 22.67 14.88 -16.22
C ALA A 729 21.56 15.07 -15.20
N LYS A 730 20.96 16.27 -15.17
CA LYS A 730 19.88 16.54 -14.22
C LYS A 730 18.72 15.57 -14.43
N VAL A 731 18.27 15.41 -15.67
CA VAL A 731 17.10 14.60 -15.96
C VAL A 731 17.36 13.12 -15.68
N SER A 732 18.57 12.63 -15.99
CA SER A 732 18.92 11.26 -15.66
C SER A 732 18.88 11.03 -14.15
N ASP A 733 19.45 11.94 -13.37
CA ASP A 733 19.40 11.81 -11.93
C ASP A 733 17.96 11.95 -11.41
N ASP A 734 17.12 12.72 -12.11
CA ASP A 734 15.74 12.88 -11.67
C ASP A 734 14.88 11.68 -12.03
N TYR A 735 15.19 10.99 -13.13
CA TYR A 735 14.41 9.79 -13.46
C TYR A 735 14.89 8.60 -12.64
N GLY A 736 16.20 8.40 -12.58
CA GLY A 736 16.75 7.24 -11.91
C GLY A 736 16.87 7.37 -10.41
N ARG A 737 17.55 8.42 -9.94
CA ARG A 737 17.88 8.51 -8.52
C ARG A 737 16.71 9.04 -7.70
N ARG A 738 16.28 10.26 -7.99
CA ARG A 738 15.35 10.98 -7.12
C ARG A 738 13.88 10.69 -7.44
N GLN A 739 13.58 10.23 -8.65
CA GLN A 739 12.20 9.95 -9.07
C GLN A 739 11.29 11.16 -8.84
N GLN A 740 11.76 12.32 -9.27
CA GLN A 740 11.02 13.59 -9.19
C GLN A 740 10.86 14.07 -10.62
N PHE A 741 9.71 13.81 -11.22
CA PHE A 741 9.56 14.05 -12.64
C PHE A 741 9.22 15.50 -12.97
N ASN A 742 8.60 16.24 -12.05
CA ASN A 742 8.26 17.63 -12.37
C ASN A 742 9.52 18.48 -12.55
N THR A 743 10.57 18.23 -11.77
CA THR A 743 11.78 19.01 -11.92
C THR A 743 12.56 18.63 -13.16
N ALA A 744 12.38 17.40 -13.66
CA ALA A 744 13.01 17.02 -14.92
C ALA A 744 12.40 17.78 -16.07
N ILE A 745 11.08 17.95 -16.09
CA ILE A 745 10.40 18.66 -17.17
C ILE A 745 10.81 20.13 -17.20
N ALA A 746 10.81 20.78 -16.03
CA ALA A 746 11.26 22.17 -15.98
C ALA A 746 12.69 22.31 -16.46
N ALA A 747 13.53 21.29 -16.21
CA ALA A 747 14.92 21.39 -16.66
C ALA A 747 15.02 21.36 -18.18
N VAL A 748 14.14 20.60 -18.84
CA VAL A 748 14.11 20.60 -20.29
C VAL A 748 13.53 21.93 -20.80
N MET A 749 12.51 22.46 -20.12
CA MET A 749 12.01 23.79 -20.46
C MET A 749 13.12 24.83 -20.39
N GLU A 750 13.94 24.79 -19.33
CA GLU A 750 15.05 25.72 -19.24
C GLU A 750 16.04 25.54 -20.37
N LEU A 751 16.26 24.30 -20.81
CA LEU A 751 17.14 24.08 -21.96
C LEU A 751 16.58 24.72 -23.21
N LEU A 752 15.27 24.56 -23.45
CA LEU A 752 14.65 25.15 -24.64
C LEU A 752 14.61 26.66 -24.55
N ASN A 753 14.45 27.20 -23.33
CA ASN A 753 14.53 28.65 -23.17
C ASN A 753 15.90 29.18 -23.58
N GLN A 754 16.98 28.49 -23.17
CA GLN A 754 18.30 28.95 -23.56
C GLN A 754 18.53 28.79 -25.05
N TYR A 755 18.05 27.68 -25.62
CA TYR A 755 18.12 27.50 -27.07
C TYR A 755 17.43 28.63 -27.81
N ASP A 756 16.23 29.00 -27.36
CA ASP A 756 15.47 30.09 -27.97
C ASP A 756 16.27 31.38 -27.99
N LYS A 757 17.06 31.63 -26.95
CA LYS A 757 17.87 32.83 -26.87
C LYS A 757 19.26 32.65 -27.49
N THR A 758 19.48 31.56 -28.24
CA THR A 758 20.75 31.37 -28.92
C THR A 758 20.58 31.48 -30.44
N ASP A 759 21.39 32.35 -31.05
CA ASP A 759 21.58 32.32 -32.49
C ASP A 759 22.18 30.99 -32.89
N THR A 760 21.42 30.11 -33.53
CA THR A 760 21.93 28.84 -34.04
C THR A 760 21.91 28.77 -35.57
N GLY A 761 22.04 29.92 -36.24
CA GLY A 761 21.89 29.96 -37.68
C GLY A 761 23.11 29.59 -38.49
N SER A 762 24.31 29.65 -37.90
CA SER A 762 25.51 29.30 -38.62
C SER A 762 25.59 27.80 -38.84
N GLU A 763 26.62 27.38 -39.59
CA GLU A 763 26.83 25.95 -39.83
C GLU A 763 27.01 25.19 -38.51
N GLN A 764 27.88 25.70 -37.64
CA GLN A 764 28.07 25.05 -36.34
C GLN A 764 26.85 25.25 -35.45
N GLY A 765 26.12 26.35 -35.63
CA GLY A 765 24.91 26.56 -34.83
C GLY A 765 23.84 25.54 -35.15
N ARG A 766 23.67 25.21 -36.43
CA ARG A 766 22.68 24.19 -36.80
C ARG A 766 23.03 22.85 -36.16
N ALA A 767 24.29 22.45 -36.29
CA ALA A 767 24.74 21.18 -35.72
C ALA A 767 24.51 21.11 -34.22
N VAL A 768 24.66 22.24 -33.51
CA VAL A 768 24.37 22.27 -32.08
C VAL A 768 22.86 22.24 -31.84
N ALA A 769 22.10 22.95 -32.68
CA ALA A 769 20.65 22.90 -32.57
C ALA A 769 20.12 21.49 -32.76
N GLN A 770 20.66 20.76 -33.75
CA GLN A 770 20.28 19.36 -33.93
C GLN A 770 20.59 18.55 -32.67
N GLU A 771 21.78 18.75 -32.09
CA GLU A 771 22.15 18.06 -30.86
C GLU A 771 21.15 18.36 -29.74
N VAL A 772 20.80 19.64 -29.58
CA VAL A 772 19.85 20.03 -28.53
C VAL A 772 18.52 19.32 -28.72
N LEU A 773 17.98 19.36 -29.94
CA LEU A 773 16.63 18.85 -30.14
C LEU A 773 16.59 17.32 -30.07
N GLU A 774 17.59 16.66 -30.66
CA GLU A 774 17.65 15.20 -30.55
C GLU A 774 17.69 14.76 -29.10
N ALA A 775 18.39 15.50 -28.24
CA ALA A 775 18.46 15.13 -26.83
C ALA A 775 17.14 15.45 -26.12
N ALA A 776 16.55 16.62 -26.40
CA ALA A 776 15.34 17.02 -25.70
C ALA A 776 14.19 16.05 -25.95
N VAL A 777 13.99 15.64 -27.21
CA VAL A 777 12.86 14.76 -27.49
C VAL A 777 13.09 13.39 -26.88
N ARG A 778 14.35 12.98 -26.76
CA ARG A 778 14.62 11.74 -26.07
C ARG A 778 14.43 11.89 -24.56
N LEU A 779 14.81 13.05 -24.00
CA LEU A 779 14.68 13.27 -22.57
C LEU A 779 13.21 13.29 -22.14
N LEU A 780 12.33 13.77 -23.01
CA LEU A 780 10.90 13.85 -22.72
C LEU A 780 10.14 12.60 -23.14
N TRP A 781 10.79 11.69 -23.86
CA TRP A 781 10.08 10.53 -24.39
C TRP A 781 9.38 9.71 -23.33
N PRO A 782 9.97 9.44 -22.15
CA PRO A 782 9.19 8.71 -21.13
C PRO A 782 7.97 9.46 -20.65
N ILE A 783 7.96 10.79 -20.68
CA ILE A 783 6.77 11.53 -20.24
C ILE A 783 5.73 11.55 -21.35
N VAL A 784 6.11 12.09 -22.51
CA VAL A 784 5.20 12.26 -23.66
C VAL A 784 5.75 11.49 -24.84
N PRO A 785 5.59 10.17 -24.90
CA PRO A 785 6.23 9.40 -25.99
C PRO A 785 5.60 9.62 -27.35
N HIS A 786 4.32 9.96 -27.45
CA HIS A 786 3.69 10.06 -28.76
C HIS A 786 4.29 11.21 -29.57
N ILE A 787 4.41 12.40 -28.96
CA ILE A 787 4.91 13.55 -29.68
C ILE A 787 6.43 13.44 -29.86
N CYS A 788 7.13 12.88 -28.88
CA CYS A 788 8.59 12.75 -29.03
C CYS A 788 8.94 11.75 -30.13
N GLU A 789 8.25 10.60 -30.16
CA GLU A 789 8.45 9.64 -31.24
C GLU A 789 8.27 10.30 -32.60
N THR A 790 7.22 11.12 -32.73
CA THR A 790 6.94 11.79 -34.00
C THR A 790 7.99 12.82 -34.34
N LEU A 791 8.42 13.61 -33.35
CA LEU A 791 9.40 14.64 -33.63
C LEU A 791 10.78 14.04 -33.87
N TRP A 792 11.12 12.97 -33.16
CA TRP A 792 12.39 12.30 -33.40
C TRP A 792 12.49 11.77 -34.82
N SER A 793 11.39 11.27 -35.38
CA SER A 793 11.42 10.75 -36.73
C SER A 793 11.67 11.84 -37.76
N GLU A 794 11.25 13.08 -37.47
CA GLU A 794 11.53 14.17 -38.40
C GLU A 794 12.96 14.67 -38.28
N LEU A 795 13.62 14.41 -37.15
CA LEU A 795 14.98 14.89 -36.92
C LEU A 795 16.05 13.88 -37.30
N ASN A 796 15.76 12.59 -37.14
CA ASN A 796 16.78 11.56 -37.30
C ASN A 796 16.14 10.28 -37.81
N GLY A 797 16.87 9.55 -38.64
CA GLY A 797 16.29 8.37 -39.24
C GLY A 797 16.47 7.08 -38.49
N ALA A 798 17.27 7.06 -37.44
CA ALA A 798 17.45 5.83 -36.68
C ALA A 798 16.24 5.60 -35.77
N LYS A 799 16.11 4.37 -35.30
CA LYS A 799 15.08 4.08 -34.30
C LYS A 799 15.46 4.77 -32.99
N LEU A 800 14.52 5.53 -32.44
CA LEU A 800 14.77 6.25 -31.19
C LEU A 800 15.26 5.30 -30.11
N TRP A 801 14.54 4.21 -29.89
CA TRP A 801 14.93 3.28 -28.84
C TRP A 801 16.24 2.57 -29.14
N GLU A 802 16.78 2.70 -30.35
CA GLU A 802 18.12 2.21 -30.64
C GLU A 802 19.17 3.30 -30.47
N ALA A 803 18.82 4.56 -30.72
CA ALA A 803 19.72 5.65 -30.35
C ALA A 803 19.94 5.66 -28.83
N GLY A 804 18.89 5.35 -28.08
CA GLY A 804 19.01 5.23 -26.64
C GLY A 804 19.05 6.55 -25.91
N TRP A 805 19.18 6.41 -24.59
CA TRP A 805 19.18 7.54 -23.68
C TRP A 805 20.38 8.46 -23.99
N PRO A 806 20.21 9.78 -23.91
CA PRO A 806 21.34 10.66 -24.20
C PRO A 806 22.47 10.44 -23.23
N THR A 807 23.70 10.51 -23.73
CA THR A 807 24.90 10.43 -22.91
C THR A 807 25.42 11.83 -22.63
N VAL A 808 25.96 12.02 -21.43
CA VAL A 808 26.48 13.33 -21.06
C VAL A 808 27.87 13.48 -21.67
N ASP A 809 28.12 14.63 -22.28
CA ASP A 809 29.42 14.94 -22.88
C ASP A 809 30.21 15.70 -21.82
N GLU A 810 31.11 14.99 -21.13
CA GLU A 810 31.87 15.59 -20.04
C GLU A 810 32.65 16.82 -20.49
N ALA A 811 33.09 16.84 -21.74
CA ALA A 811 33.84 17.99 -22.25
C ALA A 811 32.98 19.25 -22.24
N ALA A 812 31.69 19.11 -22.58
CA ALA A 812 30.79 20.26 -22.59
C ALA A 812 30.64 20.89 -21.22
N LEU A 813 31.12 20.24 -20.16
CA LEU A 813 31.07 20.80 -18.83
C LEU A 813 32.41 21.40 -18.41
N VAL A 814 33.44 21.28 -19.25
CA VAL A 814 34.75 21.86 -18.98
C VAL A 814 34.70 23.35 -19.29
N LYS A 815 34.92 24.17 -18.28
CA LYS A 815 34.91 25.62 -18.47
C LYS A 815 36.30 26.14 -18.81
N SER A 816 36.32 27.24 -19.55
CA SER A 816 37.57 27.78 -20.07
C SER A 816 38.45 28.32 -18.95
N GLU A 817 39.74 28.06 -19.06
CA GLU A 817 40.69 28.57 -18.07
C GLU A 817 40.91 30.08 -18.27
N ILE A 818 41.45 30.70 -17.23
CA ILE A 818 41.71 32.13 -17.24
C ILE A 818 43.20 32.40 -16.97
N ILE A 832 50.06 34.08 -13.09
CA ILE A 832 49.58 32.70 -13.17
C ILE A 832 48.22 32.65 -13.89
N THR A 833 47.69 31.45 -14.09
CA THR A 833 46.41 31.24 -14.76
C THR A 833 45.51 30.36 -13.90
N VAL A 834 44.23 30.75 -13.79
CA VAL A 834 43.30 30.19 -12.84
C VAL A 834 42.07 29.68 -13.57
N ALA A 835 41.62 28.47 -13.23
CA ALA A 835 40.40 27.90 -13.80
C ALA A 835 39.16 28.51 -13.12
N ALA A 836 38.04 28.43 -13.83
CA ALA A 836 36.76 28.97 -13.37
C ALA A 836 36.17 28.20 -12.18
N ASP A 837 36.97 27.43 -11.44
CA ASP A 837 36.48 26.76 -10.24
C ASP A 837 37.60 26.52 -9.22
N ILE A 865 48.94 40.06 1.58
CA ILE A 865 48.54 38.93 0.75
C ILE A 865 47.15 39.14 0.18
N ILE A 866 46.86 40.34 -0.33
CA ILE A 866 45.56 40.62 -0.92
C ILE A 866 45.33 39.70 -2.13
N VAL A 867 44.07 39.38 -2.39
CA VAL A 867 43.73 38.49 -3.51
C VAL A 867 42.29 38.73 -3.94
N VAL A 868 42.10 39.17 -5.17
CA VAL A 868 40.78 39.34 -5.77
C VAL A 868 40.60 38.29 -6.86
N PRO A 869 39.62 37.41 -6.76
CA PRO A 869 39.45 36.36 -7.77
C PRO A 869 39.00 36.90 -9.12
N GLY A 870 39.93 37.09 -10.06
CA GLY A 870 39.56 37.54 -11.38
C GLY A 870 39.79 39.00 -11.66
N ARG A 871 40.94 39.53 -11.22
CA ARG A 871 41.32 40.91 -11.48
C ARG A 871 42.78 41.12 -11.12
N LEU A 872 43.20 40.58 -9.98
CA LEU A 872 44.56 40.73 -9.45
C LEU A 872 44.73 39.75 -8.31
N VAL A 873 45.82 39.91 -7.56
CA VAL A 873 46.08 39.10 -6.36
C VAL A 873 47.30 39.68 -5.67
N ASN A 874 47.15 40.86 -5.07
CA ASN A 874 48.28 41.63 -4.53
C ASN A 874 49.03 40.89 -3.43
N ILE A 875 50.20 40.35 -3.76
CA ILE A 875 51.07 39.77 -2.75
C ILE A 875 51.65 40.92 -1.92
N VAL A 876 51.28 40.98 -0.64
CA VAL A 876 51.76 42.04 0.24
C VAL A 876 52.55 41.45 1.40
C2 HQ5 B . -5.44 6.26 -7.32
C4 HQ5 B . -7.74 6.51 -7.72
C5 HQ5 B . -7.88 5.11 -7.99
C6 HQ5 B . -6.78 4.35 -7.92
N HQ5 B . -6.59 -3.58 -7.02
CA HQ5 B . -5.91 -2.99 -5.84
C HQ5 B . -6.31 -1.54 -5.96
O HQ5 B . -6.10 -0.66 -5.13
CB HQ5 B . -4.38 -3.15 -5.82
CG HQ5 B . -3.89 -4.51 -5.32
CD1 HQ5 B . -2.38 -4.60 -5.48
CD2 HQ5 B . -4.29 -4.74 -3.87
C1' HQ5 B . -4.37 4.04 -7.43
C2' HQ5 B . -4.39 3.20 -6.16
C3' HQ5 B . -3.52 2.02 -6.59
C4' HQ5 B . -3.92 1.82 -8.05
C5' HQ5 B . -5.00 0.79 -8.33
N1 HQ5 B . -5.56 4.90 -7.58
N3 HQ5 B . -6.55 7.04 -7.39
N3S HQ5 B . -6.98 -1.21 -7.16
N4 HQ5 B . -8.78 7.32 -7.78
O1S HQ5 B . -8.09 0.20 -8.84
O2 HQ5 B . -4.34 6.72 -7.02
O2' HQ5 B . -3.81 3.91 -5.08
O2S HQ5 B . -8.23 0.75 -6.43
O3' HQ5 B . -2.14 2.34 -6.45
O4' HQ5 B . -4.32 3.13 -8.52
O5' HQ5 B . -6.23 1.23 -7.64
S HQ5 B . -7.50 0.25 -7.55
ZN ZN C . -15.32 -39.07 2.70
MG MG D . 20.40 -4.55 0.06
#